data_2NPW
# 
_entry.id   2NPW 
# 
_audit_conform.dict_name       mmcif_pdbx.dic 
_audit_conform.dict_version    5.383 
_audit_conform.dict_location   http://mmcif.pdb.org/dictionaries/ascii/mmcif_pdbx.dic 
# 
loop_
_database_2.database_id 
_database_2.database_code 
_database_2.pdbx_database_accession 
_database_2.pdbx_DOI 
PDB   2NPW         pdb_00002npw 10.2210/pdb2npw/pdb 
RCSB  RCSB040158   ?            ?                   
WWPDB D_1000040158 ?            ?                   
# 
loop_
_pdbx_audit_revision_history.ordinal 
_pdbx_audit_revision_history.data_content_type 
_pdbx_audit_revision_history.major_revision 
_pdbx_audit_revision_history.minor_revision 
_pdbx_audit_revision_history.revision_date 
1 'Structure model' 1 0 2007-06-12 
2 'Structure model' 1 1 2008-05-01 
3 'Structure model' 1 2 2011-07-13 
4 'Structure model' 1 3 2020-06-24 
5 'Structure model' 1 4 2023-12-27 
# 
_pdbx_audit_revision_details.ordinal             1 
_pdbx_audit_revision_details.revision_ordinal    1 
_pdbx_audit_revision_details.data_content_type   'Structure model' 
_pdbx_audit_revision_details.provider            repository 
_pdbx_audit_revision_details.type                'Initial release' 
_pdbx_audit_revision_details.description         ? 
_pdbx_audit_revision_details.details             ? 
# 
loop_
_pdbx_audit_revision_group.ordinal 
_pdbx_audit_revision_group.revision_ordinal 
_pdbx_audit_revision_group.data_content_type 
_pdbx_audit_revision_group.group 
1 2 'Structure model' 'Version format compliance' 
2 3 'Structure model' 'Non-polymer description'   
3 3 'Structure model' 'Version format compliance' 
4 4 'Structure model' 'Database references'       
5 4 'Structure model' 'Derived calculations'      
6 4 'Structure model' 'Source and taxonomy'       
7 5 'Structure model' 'Data collection'           
8 5 'Structure model' 'Database references'       
9 5 'Structure model' 'Derived calculations'      
# 
loop_
_pdbx_audit_revision_category.ordinal 
_pdbx_audit_revision_category.revision_ordinal 
_pdbx_audit_revision_category.data_content_type 
_pdbx_audit_revision_category.category 
1 4 'Structure model' ndb_struct_na_base_pair      
2 4 'Structure model' ndb_struct_na_base_pair_step 
3 4 'Structure model' pdbx_entity_src_syn          
4 4 'Structure model' struct_ref                   
5 4 'Structure model' struct_ref_seq               
6 5 'Structure model' chem_comp_atom               
7 5 'Structure model' chem_comp_bond               
8 5 'Structure model' database_2                   
9 5 'Structure model' struct_site                  
# 
loop_
_pdbx_audit_revision_item.ordinal 
_pdbx_audit_revision_item.revision_ordinal 
_pdbx_audit_revision_item.data_content_type 
_pdbx_audit_revision_item.item 
1  4 'Structure model' '_ndb_struct_na_base_pair.buckle'     
2  4 'Structure model' '_ndb_struct_na_base_pair_step.roll'  
3  4 'Structure model' '_ndb_struct_na_base_pair_step.shift' 
4  4 'Structure model' '_ndb_struct_na_base_pair_step.tip'   
5  4 'Structure model' '_ndb_struct_na_base_pair_step.twist' 
6  5 'Structure model' '_database_2.pdbx_DOI'                
7  5 'Structure model' '_database_2.pdbx_database_accession' 
8  5 'Structure model' '_struct_site.pdbx_auth_asym_id'      
9  5 'Structure model' '_struct_site.pdbx_auth_comp_id'      
10 5 'Structure model' '_struct_site.pdbx_auth_seq_id'       
# 
_pdbx_database_status.status_code                     REL 
_pdbx_database_status.entry_id                        2NPW 
_pdbx_database_status.recvd_initial_deposition_date   2006-10-30 
_pdbx_database_status.deposit_site                    RCSB 
_pdbx_database_status.process_site                    RCSB 
_pdbx_database_status.status_code_sf                  ? 
_pdbx_database_status.status_code_mr                  REL 
_pdbx_database_status.SG_entry                        ? 
_pdbx_database_status.pdb_format_compatible           Y 
_pdbx_database_status.status_code_cs                  ? 
_pdbx_database_status.status_code_nmr_data            ? 
_pdbx_database_status.methods_development_category    ? 
# 
loop_
_pdbx_database_related.db_name 
_pdbx_database_related.db_id 
_pdbx_database_related.details 
_pdbx_database_related.content_type 
PDB 2NQ0 . unspecified 
PDB 2NQ1 . unspecified 
PDB 2NQ4 . unspecified 
# 
loop_
_audit_author.name 
_audit_author.pdbx_ordinal 
'Wu, Y.'            1 
'Bhattacharyya, D.' 2 
'Chaney, S.'        3 
'Campbell, S.'      4 
# 
_citation.id                        primary 
_citation.title                     
;Solution Structures of a DNA Dodecamer Duplex with and without a Cisplatin 1,2-d(GG) Intrastrand Cross-Link: Comparison with the Same DNA Duplex Containing an Oxaliplatin 1,2-d(GG) Intrastrand Cross-Link
;
_citation.journal_abbrev            Biochemistry 
_citation.journal_volume            46 
_citation.page_first                6477 
_citation.page_last                 6487 
_citation.year                      2007 
_citation.journal_id_ASTM           BICHAW 
_citation.country                   US 
_citation.journal_id_ISSN           0006-2960 
_citation.journal_id_CSD            0033 
_citation.book_publisher            ? 
_citation.pdbx_database_id_PubMed   17497831 
_citation.pdbx_database_id_DOI      10.1021/bi062291f 
# 
loop_
_citation_author.citation_id 
_citation_author.name 
_citation_author.ordinal 
_citation_author.identifier_ORCID 
primary 'Wu, Y.'                  1  ? 
primary 'Bhattacharyya, D.'       2  ? 
primary 'King, C.L.'              3  ? 
primary 'Baskerville-Abraham, I.' 4  ? 
primary 'Huh, S.-H.'              5  ? 
primary 'Boysen, G.'              6  ? 
primary 'Swenberg, J.A.'          7  ? 
primary 'Temple, B.'              8  ? 
primary 'Campbell, S.L.'          9  ? 
primary 'Chaney, S.G.'            10 ? 
# 
loop_
_entity.id 
_entity.type 
_entity.src_method 
_entity.pdbx_description 
_entity.formula_weight 
_entity.pdbx_number_of_molecules 
_entity.pdbx_ec 
_entity.pdbx_mutation 
_entity.pdbx_fragment 
_entity.details 
1 polymer     syn "5'-D(*CP*CP*TP*CP*AP*GP*GP*CP*CP*TP*CP*C)-3'" 3559.319 1 ? ? ? ? 
2 polymer     syn "5'-D(*GP*GP*AP*GP*GP*CP*CP*TP*GP*AP*GP*G)-3'" 3768.453 1 ? ? ? ? 
3 non-polymer syn Cisplatin                                      300.045  1 ? ? ? ? 
# 
loop_
_entity_poly.entity_id 
_entity_poly.type 
_entity_poly.nstd_linkage 
_entity_poly.nstd_monomer 
_entity_poly.pdbx_seq_one_letter_code 
_entity_poly.pdbx_seq_one_letter_code_can 
_entity_poly.pdbx_strand_id 
_entity_poly.pdbx_target_identifier 
1 polydeoxyribonucleotide no no '(DC)(DC)(DT)(DC)(DA)(DG)(DG)(DC)(DC)(DT)(DC)(DC)' CCTCAGGCCTCC A ? 
2 polydeoxyribonucleotide no no '(DG)(DG)(DA)(DG)(DG)(DC)(DC)(DT)(DG)(DA)(DG)(DG)' GGAGGCCTGAGG B ? 
# 
_pdbx_entity_nonpoly.entity_id   3 
_pdbx_entity_nonpoly.name        Cisplatin 
_pdbx_entity_nonpoly.comp_id     CPT 
# 
loop_
_entity_poly_seq.entity_id 
_entity_poly_seq.num 
_entity_poly_seq.mon_id 
_entity_poly_seq.hetero 
1 1  DC n 
1 2  DC n 
1 3  DT n 
1 4  DC n 
1 5  DA n 
1 6  DG n 
1 7  DG n 
1 8  DC n 
1 9  DC n 
1 10 DT n 
1 11 DC n 
1 12 DC n 
2 1  DG n 
2 2  DG n 
2 3  DA n 
2 4  DG n 
2 5  DG n 
2 6  DC n 
2 7  DC n 
2 8  DT n 
2 9  DG n 
2 10 DA n 
2 11 DG n 
2 12 DG n 
# 
loop_
_pdbx_entity_src_syn.entity_id 
_pdbx_entity_src_syn.pdbx_src_id 
_pdbx_entity_src_syn.pdbx_alt_source_flag 
_pdbx_entity_src_syn.pdbx_beg_seq_num 
_pdbx_entity_src_syn.pdbx_end_seq_num 
_pdbx_entity_src_syn.organism_scientific 
_pdbx_entity_src_syn.organism_common_name 
_pdbx_entity_src_syn.ncbi_taxonomy_id 
_pdbx_entity_src_syn.details 
1 1 sample 1 12 'synthetic construct' ? 32630 ? 
2 1 sample 1 12 'synthetic construct' ? 32630 ? 
# 
loop_
_chem_comp.id 
_chem_comp.type 
_chem_comp.mon_nstd_flag 
_chem_comp.name 
_chem_comp.pdbx_synonyms 
_chem_comp.formula 
_chem_comp.formula_weight 
CPT non-polymer   . Cisplatin                            'diammine(dichloro)platinum' 'Cl2 H6 N2 Pt'    300.045 
DA  'DNA linking' y "2'-DEOXYADENOSINE-5'-MONOPHOSPHATE" ?                            'C10 H14 N5 O6 P' 331.222 
DC  'DNA linking' y "2'-DEOXYCYTIDINE-5'-MONOPHOSPHATE"  ?                            'C9 H14 N3 O7 P'  307.197 
DG  'DNA linking' y "2'-DEOXYGUANOSINE-5'-MONOPHOSPHATE" ?                            'C10 H14 N5 O7 P' 347.221 
DT  'DNA linking' y "THYMIDINE-5'-MONOPHOSPHATE"         ?                            'C10 H15 N2 O8 P' 322.208 
# 
loop_
_pdbx_poly_seq_scheme.asym_id 
_pdbx_poly_seq_scheme.entity_id 
_pdbx_poly_seq_scheme.seq_id 
_pdbx_poly_seq_scheme.mon_id 
_pdbx_poly_seq_scheme.ndb_seq_num 
_pdbx_poly_seq_scheme.pdb_seq_num 
_pdbx_poly_seq_scheme.auth_seq_num 
_pdbx_poly_seq_scheme.pdb_mon_id 
_pdbx_poly_seq_scheme.auth_mon_id 
_pdbx_poly_seq_scheme.pdb_strand_id 
_pdbx_poly_seq_scheme.pdb_ins_code 
_pdbx_poly_seq_scheme.hetero 
A 1 1  DC 1  1  1  DC C A . n 
A 1 2  DC 2  2  2  DC C A . n 
A 1 3  DT 3  3  3  DT T A . n 
A 1 4  DC 4  4  4  DC C A . n 
A 1 5  DA 5  5  5  DA A A . n 
A 1 6  DG 6  6  6  DG G A . n 
A 1 7  DG 7  7  7  DG G A . n 
A 1 8  DC 8  8  8  DC C A . n 
A 1 9  DC 9  9  9  DC C A . n 
A 1 10 DT 10 10 10 DT T A . n 
A 1 11 DC 11 11 11 DC C A . n 
A 1 12 DC 12 12 12 DC C A . n 
B 2 1  DG 1  13 13 DG G B . n 
B 2 2  DG 2  14 14 DG G B . n 
B 2 3  DA 3  15 15 DA A B . n 
B 2 4  DG 4  16 16 DG G B . n 
B 2 5  DG 5  17 17 DG G B . n 
B 2 6  DC 6  18 18 DC C B . n 
B 2 7  DC 7  19 19 DC C B . n 
B 2 8  DT 8  20 20 DT T B . n 
B 2 9  DG 9  21 21 DG G B . n 
B 2 10 DA 10 22 22 DA A B . n 
B 2 11 DG 11 23 23 DG G B . n 
B 2 12 DG 12 24 24 DG G B . n 
# 
_pdbx_nonpoly_scheme.asym_id         C 
_pdbx_nonpoly_scheme.entity_id       3 
_pdbx_nonpoly_scheme.mon_id          CPT 
_pdbx_nonpoly_scheme.ndb_seq_num     1 
_pdbx_nonpoly_scheme.pdb_seq_num     77 
_pdbx_nonpoly_scheme.auth_seq_num    77 
_pdbx_nonpoly_scheme.pdb_mon_id      CPT 
_pdbx_nonpoly_scheme.auth_mon_id     CPT 
_pdbx_nonpoly_scheme.pdb_strand_id   A 
_pdbx_nonpoly_scheme.pdb_ins_code    . 
# 
_cell.entry_id           2NPW 
_cell.length_a           1.000 
_cell.length_b           1.000 
_cell.length_c           1.000 
_cell.angle_alpha        90.00 
_cell.angle_beta         90.00 
_cell.angle_gamma        90.00 
_cell.Z_PDB              1 
_cell.pdbx_unique_axis   ? 
# 
_symmetry.entry_id                         2NPW 
_symmetry.space_group_name_H-M             'P 1' 
_symmetry.pdbx_full_space_group_name_H-M   ? 
_symmetry.cell_setting                     ? 
_symmetry.Int_Tables_number                1 
# 
_exptl.entry_id          2NPW 
_exptl.method            'SOLUTION NMR' 
_exptl.crystals_number   ? 
# 
_exptl_crystal.id                    1 
_exptl_crystal.density_meas          ? 
_exptl_crystal.density_Matthews      ? 
_exptl_crystal.density_percent_sol   ? 
_exptl_crystal.description           ? 
# 
_diffrn.id                     1 
_diffrn.ambient_temp           ? 
_diffrn.ambient_temp_details   ? 
_diffrn.crystal_id             1 
# 
_diffrn_radiation.diffrn_id                        1 
_diffrn_radiation.wavelength_id                    1 
_diffrn_radiation.monochromator                    ? 
_diffrn_radiation.pdbx_monochromatic_or_laue_m_l   M 
_diffrn_radiation.pdbx_diffrn_protocol             'SINGLE WAVELENGTH' 
_diffrn_radiation.pdbx_scattering_type             x-ray 
# 
_diffrn_radiation_wavelength.id           1 
_diffrn_radiation_wavelength.wavelength   . 
_diffrn_radiation_wavelength.wt           1.0 
# 
_struct.entry_id                  2NPW 
_struct.title                     'Solution Structures of a DNA Dodecamer Duplex with a Cisplatin 1,2-d(GG) Intrastrand Cross-Link' 
_struct.pdbx_model_details        ? 
_struct.pdbx_CASP_flag            ? 
_struct.pdbx_model_type_details   'minimized average' 
# 
_struct_keywords.entry_id        2NPW 
_struct_keywords.pdbx_keywords   DNA 
_struct_keywords.text            'Deoxyribonucleic acid, cisplatin, DNA, duplex, dodecamer' 
# 
loop_
_struct_asym.id 
_struct_asym.pdbx_blank_PDB_chainid_flag 
_struct_asym.pdbx_modified 
_struct_asym.entity_id 
_struct_asym.details 
A N N 1 ? 
B N N 2 ? 
C N N 3 ? 
# 
loop_
_struct_ref.id 
_struct_ref.db_name 
_struct_ref.db_code 
_struct_ref.pdbx_db_accession 
_struct_ref.pdbx_db_isoform 
_struct_ref.entity_id 
_struct_ref.pdbx_seq_one_letter_code 
_struct_ref.pdbx_align_begin 
1 PDB 2NPW 2NPW ? 1 ? 1 
2 PDB 2NPW 2NPW ? 2 ? 1 
# 
loop_
_struct_ref_seq.align_id 
_struct_ref_seq.ref_id 
_struct_ref_seq.pdbx_PDB_id_code 
_struct_ref_seq.pdbx_strand_id 
_struct_ref_seq.seq_align_beg 
_struct_ref_seq.pdbx_seq_align_beg_ins_code 
_struct_ref_seq.seq_align_end 
_struct_ref_seq.pdbx_seq_align_end_ins_code 
_struct_ref_seq.pdbx_db_accession 
_struct_ref_seq.db_align_beg 
_struct_ref_seq.pdbx_db_align_beg_ins_code 
_struct_ref_seq.db_align_end 
_struct_ref_seq.pdbx_db_align_end_ins_code 
_struct_ref_seq.pdbx_auth_seq_align_beg 
_struct_ref_seq.pdbx_auth_seq_align_end 
1 1 2NPW A 1 ? 12 ? 2NPW 1  ? 12 ? 1  12 
2 2 2NPW B 1 ? 12 ? 2NPW 13 ? 24 ? 13 24 
# 
_pdbx_struct_assembly.id                   1 
_pdbx_struct_assembly.details              author_defined_assembly 
_pdbx_struct_assembly.method_details       ? 
_pdbx_struct_assembly.oligomeric_details   dimeric 
_pdbx_struct_assembly.oligomeric_count     2 
# 
_pdbx_struct_assembly_gen.assembly_id       1 
_pdbx_struct_assembly_gen.oper_expression   1 
_pdbx_struct_assembly_gen.asym_id_list      A,B,C 
# 
_pdbx_struct_oper_list.id                   1 
_pdbx_struct_oper_list.type                 'identity operation' 
_pdbx_struct_oper_list.name                 1_555 
_pdbx_struct_oper_list.symmetry_operation   x,y,z 
_pdbx_struct_oper_list.matrix[1][1]         1.0000000000 
_pdbx_struct_oper_list.matrix[1][2]         0.0000000000 
_pdbx_struct_oper_list.matrix[1][3]         0.0000000000 
_pdbx_struct_oper_list.vector[1]            0.0000000000 
_pdbx_struct_oper_list.matrix[2][1]         0.0000000000 
_pdbx_struct_oper_list.matrix[2][2]         1.0000000000 
_pdbx_struct_oper_list.matrix[2][3]         0.0000000000 
_pdbx_struct_oper_list.vector[2]            0.0000000000 
_pdbx_struct_oper_list.matrix[3][1]         0.0000000000 
_pdbx_struct_oper_list.matrix[3][2]         0.0000000000 
_pdbx_struct_oper_list.matrix[3][3]         1.0000000000 
_pdbx_struct_oper_list.vector[3]            0.0000000000 
# 
_struct_biol.id   1 
# 
loop_
_struct_conn.id 
_struct_conn.conn_type_id 
_struct_conn.pdbx_leaving_atom_flag 
_struct_conn.pdbx_PDB_id 
_struct_conn.ptnr1_label_asym_id 
_struct_conn.ptnr1_label_comp_id 
_struct_conn.ptnr1_label_seq_id 
_struct_conn.ptnr1_label_atom_id 
_struct_conn.pdbx_ptnr1_label_alt_id 
_struct_conn.pdbx_ptnr1_PDB_ins_code 
_struct_conn.pdbx_ptnr1_standard_comp_id 
_struct_conn.ptnr1_symmetry 
_struct_conn.ptnr2_label_asym_id 
_struct_conn.ptnr2_label_comp_id 
_struct_conn.ptnr2_label_seq_id 
_struct_conn.ptnr2_label_atom_id 
_struct_conn.pdbx_ptnr2_label_alt_id 
_struct_conn.pdbx_ptnr2_PDB_ins_code 
_struct_conn.ptnr1_auth_asym_id 
_struct_conn.ptnr1_auth_comp_id 
_struct_conn.ptnr1_auth_seq_id 
_struct_conn.ptnr2_auth_asym_id 
_struct_conn.ptnr2_auth_comp_id 
_struct_conn.ptnr2_auth_seq_id 
_struct_conn.ptnr2_symmetry 
_struct_conn.pdbx_ptnr3_label_atom_id 
_struct_conn.pdbx_ptnr3_label_seq_id 
_struct_conn.pdbx_ptnr3_label_comp_id 
_struct_conn.pdbx_ptnr3_label_asym_id 
_struct_conn.pdbx_ptnr3_label_alt_id 
_struct_conn.pdbx_ptnr3_PDB_ins_code 
_struct_conn.details 
_struct_conn.pdbx_dist_value 
_struct_conn.pdbx_value_order 
_struct_conn.pdbx_role 
metalc1  metalc ? ? A DG 6  N7 ? ? ? 1_555 C CPT .  PT1 ? ? A DG 6  A CPT 77 1_555 ? ? ? ? ? ? ?            2.009 ? ? 
metalc2  metalc ? ? A DG 7  N7 ? ? ? 1_555 C CPT .  PT1 ? ? A DG 7  A CPT 77 1_555 ? ? ? ? ? ? ?            2.013 ? ? 
hydrog1  hydrog ? ? A DC 1  N3 ? ? ? 1_555 B DG  12 N1  ? ? A DC 1  B DG  24 1_555 ? ? ? ? ? ? WATSON-CRICK ?     ? ? 
hydrog2  hydrog ? ? A DC 1  N4 ? ? ? 1_555 B DG  12 O6  ? ? A DC 1  B DG  24 1_555 ? ? ? ? ? ? WATSON-CRICK ?     ? ? 
hydrog3  hydrog ? ? A DC 1  O2 ? ? ? 1_555 B DG  12 N2  ? ? A DC 1  B DG  24 1_555 ? ? ? ? ? ? WATSON-CRICK ?     ? ? 
hydrog4  hydrog ? ? A DC 2  N3 ? ? ? 1_555 B DG  11 N1  ? ? A DC 2  B DG  23 1_555 ? ? ? ? ? ? WATSON-CRICK ?     ? ? 
hydrog5  hydrog ? ? A DC 2  N4 ? ? ? 1_555 B DG  11 O6  ? ? A DC 2  B DG  23 1_555 ? ? ? ? ? ? WATSON-CRICK ?     ? ? 
hydrog6  hydrog ? ? A DC 2  O2 ? ? ? 1_555 B DG  11 N2  ? ? A DC 2  B DG  23 1_555 ? ? ? ? ? ? WATSON-CRICK ?     ? ? 
hydrog7  hydrog ? ? A DT 3  N3 ? ? ? 1_555 B DA  10 N1  ? ? A DT 3  B DA  22 1_555 ? ? ? ? ? ? WATSON-CRICK ?     ? ? 
hydrog8  hydrog ? ? A DT 3  O4 ? ? ? 1_555 B DA  10 N6  ? ? A DT 3  B DA  22 1_555 ? ? ? ? ? ? WATSON-CRICK ?     ? ? 
hydrog9  hydrog ? ? A DC 4  N3 ? ? ? 1_555 B DG  9  N1  ? ? A DC 4  B DG  21 1_555 ? ? ? ? ? ? WATSON-CRICK ?     ? ? 
hydrog10 hydrog ? ? A DC 4  N4 ? ? ? 1_555 B DG  9  O6  ? ? A DC 4  B DG  21 1_555 ? ? ? ? ? ? WATSON-CRICK ?     ? ? 
hydrog11 hydrog ? ? A DC 4  O2 ? ? ? 1_555 B DG  9  N2  ? ? A DC 4  B DG  21 1_555 ? ? ? ? ? ? WATSON-CRICK ?     ? ? 
hydrog12 hydrog ? ? A DA 5  N1 ? ? ? 1_555 B DT  8  N3  ? ? A DA 5  B DT  20 1_555 ? ? ? ? ? ? WATSON-CRICK ?     ? ? 
hydrog13 hydrog ? ? A DA 5  N6 ? ? ? 1_555 B DT  8  O4  ? ? A DA 5  B DT  20 1_555 ? ? ? ? ? ? WATSON-CRICK ?     ? ? 
hydrog14 hydrog ? ? A DG 6  N1 ? ? ? 1_555 B DC  7  N3  ? ? A DG 6  B DC  19 1_555 ? ? ? ? ? ? WATSON-CRICK ?     ? ? 
hydrog15 hydrog ? ? A DG 6  N2 ? ? ? 1_555 B DC  7  O2  ? ? A DG 6  B DC  19 1_555 ? ? ? ? ? ? WATSON-CRICK ?     ? ? 
hydrog16 hydrog ? ? A DG 6  O6 ? ? ? 1_555 B DC  7  N4  ? ? A DG 6  B DC  19 1_555 ? ? ? ? ? ? WATSON-CRICK ?     ? ? 
hydrog17 hydrog ? ? A DG 7  N1 ? ? ? 1_555 B DC  6  N3  ? ? A DG 7  B DC  18 1_555 ? ? ? ? ? ? WATSON-CRICK ?     ? ? 
hydrog18 hydrog ? ? A DG 7  N2 ? ? ? 1_555 B DC  6  O2  ? ? A DG 7  B DC  18 1_555 ? ? ? ? ? ? WATSON-CRICK ?     ? ? 
hydrog19 hydrog ? ? A DG 7  O6 ? ? ? 1_555 B DC  6  N4  ? ? A DG 7  B DC  18 1_555 ? ? ? ? ? ? WATSON-CRICK ?     ? ? 
hydrog20 hydrog ? ? A DC 8  N3 ? ? ? 1_555 B DG  5  N1  ? ? A DC 8  B DG  17 1_555 ? ? ? ? ? ? WATSON-CRICK ?     ? ? 
hydrog21 hydrog ? ? A DC 8  N4 ? ? ? 1_555 B DG  5  O6  ? ? A DC 8  B DG  17 1_555 ? ? ? ? ? ? WATSON-CRICK ?     ? ? 
hydrog22 hydrog ? ? A DC 8  O2 ? ? ? 1_555 B DG  5  N2  ? ? A DC 8  B DG  17 1_555 ? ? ? ? ? ? WATSON-CRICK ?     ? ? 
hydrog23 hydrog ? ? A DC 9  N3 ? ? ? 1_555 B DG  4  N1  ? ? A DC 9  B DG  16 1_555 ? ? ? ? ? ? WATSON-CRICK ?     ? ? 
hydrog24 hydrog ? ? A DC 9  N4 ? ? ? 1_555 B DG  4  O6  ? ? A DC 9  B DG  16 1_555 ? ? ? ? ? ? WATSON-CRICK ?     ? ? 
hydrog25 hydrog ? ? A DC 9  O2 ? ? ? 1_555 B DG  4  N2  ? ? A DC 9  B DG  16 1_555 ? ? ? ? ? ? WATSON-CRICK ?     ? ? 
hydrog26 hydrog ? ? A DT 10 N3 ? ? ? 1_555 B DA  3  N1  ? ? A DT 10 B DA  15 1_555 ? ? ? ? ? ? WATSON-CRICK ?     ? ? 
hydrog27 hydrog ? ? A DT 10 O4 ? ? ? 1_555 B DA  3  N6  ? ? A DT 10 B DA  15 1_555 ? ? ? ? ? ? WATSON-CRICK ?     ? ? 
hydrog28 hydrog ? ? A DC 11 N3 ? ? ? 1_555 B DG  2  N1  ? ? A DC 11 B DG  14 1_555 ? ? ? ? ? ? WATSON-CRICK ?     ? ? 
hydrog29 hydrog ? ? A DC 11 N4 ? ? ? 1_555 B DG  2  O6  ? ? A DC 11 B DG  14 1_555 ? ? ? ? ? ? WATSON-CRICK ?     ? ? 
hydrog30 hydrog ? ? A DC 11 O2 ? ? ? 1_555 B DG  2  N2  ? ? A DC 11 B DG  14 1_555 ? ? ? ? ? ? WATSON-CRICK ?     ? ? 
hydrog31 hydrog ? ? A DC 12 N3 ? ? ? 1_555 B DG  1  N1  ? ? A DC 12 B DG  13 1_555 ? ? ? ? ? ? WATSON-CRICK ?     ? ? 
hydrog32 hydrog ? ? A DC 12 N4 ? ? ? 1_555 B DG  1  O6  ? ? A DC 12 B DG  13 1_555 ? ? ? ? ? ? WATSON-CRICK ?     ? ? 
hydrog33 hydrog ? ? A DC 12 O2 ? ? ? 1_555 B DG  1  N2  ? ? A DC 12 B DG  13 1_555 ? ? ? ? ? ? WATSON-CRICK ?     ? ? 
# 
loop_
_struct_conn_type.id 
_struct_conn_type.criteria 
_struct_conn_type.reference 
metalc ? ? 
hydrog ? ? 
# 
loop_
_pdbx_struct_conn_angle.id 
_pdbx_struct_conn_angle.ptnr1_label_atom_id 
_pdbx_struct_conn_angle.ptnr1_label_alt_id 
_pdbx_struct_conn_angle.ptnr1_label_asym_id 
_pdbx_struct_conn_angle.ptnr1_label_comp_id 
_pdbx_struct_conn_angle.ptnr1_label_seq_id 
_pdbx_struct_conn_angle.ptnr1_auth_atom_id 
_pdbx_struct_conn_angle.ptnr1_auth_asym_id 
_pdbx_struct_conn_angle.ptnr1_auth_comp_id 
_pdbx_struct_conn_angle.ptnr1_auth_seq_id 
_pdbx_struct_conn_angle.ptnr1_PDB_ins_code 
_pdbx_struct_conn_angle.ptnr1_symmetry 
_pdbx_struct_conn_angle.ptnr2_label_atom_id 
_pdbx_struct_conn_angle.ptnr2_label_alt_id 
_pdbx_struct_conn_angle.ptnr2_label_asym_id 
_pdbx_struct_conn_angle.ptnr2_label_comp_id 
_pdbx_struct_conn_angle.ptnr2_label_seq_id 
_pdbx_struct_conn_angle.ptnr2_auth_atom_id 
_pdbx_struct_conn_angle.ptnr2_auth_asym_id 
_pdbx_struct_conn_angle.ptnr2_auth_comp_id 
_pdbx_struct_conn_angle.ptnr2_auth_seq_id 
_pdbx_struct_conn_angle.ptnr2_PDB_ins_code 
_pdbx_struct_conn_angle.ptnr2_symmetry 
_pdbx_struct_conn_angle.ptnr3_label_atom_id 
_pdbx_struct_conn_angle.ptnr3_label_alt_id 
_pdbx_struct_conn_angle.ptnr3_label_asym_id 
_pdbx_struct_conn_angle.ptnr3_label_comp_id 
_pdbx_struct_conn_angle.ptnr3_label_seq_id 
_pdbx_struct_conn_angle.ptnr3_auth_atom_id 
_pdbx_struct_conn_angle.ptnr3_auth_asym_id 
_pdbx_struct_conn_angle.ptnr3_auth_comp_id 
_pdbx_struct_conn_angle.ptnr3_auth_seq_id 
_pdbx_struct_conn_angle.ptnr3_PDB_ins_code 
_pdbx_struct_conn_angle.ptnr3_symmetry 
_pdbx_struct_conn_angle.value 
_pdbx_struct_conn_angle.value_esd 
1 N7 ? A DG  6 ? A DG  6  ? 1_555 PT1 ? C CPT . ? A CPT 77 ? 1_555 N1 ? C CPT . ? A CPT 77 ? 1_555 90.6  ? 
2 N7 ? A DG  6 ? A DG  6  ? 1_555 PT1 ? C CPT . ? A CPT 77 ? 1_555 N2 ? C CPT . ? A CPT 77 ? 1_555 179.4 ? 
3 N1 ? C CPT . ? A CPT 77 ? 1_555 PT1 ? C CPT . ? A CPT 77 ? 1_555 N2 ? C CPT . ? A CPT 77 ? 1_555 88.8  ? 
4 N7 ? A DG  6 ? A DG  6  ? 1_555 PT1 ? C CPT . ? A CPT 77 ? 1_555 N7 ? A DG  7 ? A DG  7  ? 1_555 90.1  ? 
5 N1 ? C CPT . ? A CPT 77 ? 1_555 PT1 ? C CPT . ? A CPT 77 ? 1_555 N7 ? A DG  7 ? A DG  7  ? 1_555 179.2 ? 
6 N2 ? C CPT . ? A CPT 77 ? 1_555 PT1 ? C CPT . ? A CPT 77 ? 1_555 N7 ? A DG  7 ? A DG  7  ? 1_555 90.4  ? 
# 
_struct_site.id                   AC1 
_struct_site.pdbx_evidence_code   Software 
_struct_site.pdbx_auth_asym_id    A 
_struct_site.pdbx_auth_comp_id    CPT 
_struct_site.pdbx_auth_seq_id     77 
_struct_site.pdbx_auth_ins_code   ? 
_struct_site.pdbx_num_residues    3 
_struct_site.details              'BINDING SITE FOR RESIDUE CPT A 77' 
# 
loop_
_struct_site_gen.id 
_struct_site_gen.site_id 
_struct_site_gen.pdbx_num_res 
_struct_site_gen.label_comp_id 
_struct_site_gen.label_asym_id 
_struct_site_gen.label_seq_id 
_struct_site_gen.pdbx_auth_ins_code 
_struct_site_gen.auth_comp_id 
_struct_site_gen.auth_asym_id 
_struct_site_gen.auth_seq_id 
_struct_site_gen.label_atom_id 
_struct_site_gen.label_alt_id 
_struct_site_gen.symmetry 
_struct_site_gen.details 
1 AC1 3 DA A 5 ? DA A 5 . ? 1_555 ? 
2 AC1 3 DG A 6 ? DG A 6 . ? 1_555 ? 
3 AC1 3 DG A 7 ? DG A 7 . ? 1_555 ? 
# 
loop_
_pdbx_validate_close_contact.id 
_pdbx_validate_close_contact.PDB_model_num 
_pdbx_validate_close_contact.auth_atom_id_1 
_pdbx_validate_close_contact.auth_asym_id_1 
_pdbx_validate_close_contact.auth_comp_id_1 
_pdbx_validate_close_contact.auth_seq_id_1 
_pdbx_validate_close_contact.PDB_ins_code_1 
_pdbx_validate_close_contact.label_alt_id_1 
_pdbx_validate_close_contact.auth_atom_id_2 
_pdbx_validate_close_contact.auth_asym_id_2 
_pdbx_validate_close_contact.auth_comp_id_2 
_pdbx_validate_close_contact.auth_seq_id_2 
_pdbx_validate_close_contact.PDB_ins_code_2 
_pdbx_validate_close_contact.label_alt_id_2 
_pdbx_validate_close_contact.dist 
1 1 H21 A DG 7  ? ? O2  B DC 18 ? ? 1.45 
2 1 O2  A DC 12 ? ? H21 B DG 13 ? ? 1.52 
3 1 O2  A DC 2  ? ? H21 B DG 23 ? ? 1.54 
4 1 O2  A DC 1  ? ? H21 B DG 24 ? ? 1.56 
5 1 H21 A DG 6  ? ? O2  B DC 19 ? ? 1.58 
6 1 O2  A DC 11 ? ? H21 B DG 14 ? ? 1.60 
# 
_pdbx_nmr_ensemble.entry_id                                      2NPW 
_pdbx_nmr_ensemble.conformers_calculated_total_number            1 
_pdbx_nmr_ensemble.conformers_submitted_total_number             1 
_pdbx_nmr_ensemble.conformer_selection_criteria                  'structures with the lowest energy' 
_pdbx_nmr_ensemble.average_constraints_per_residue               ? 
_pdbx_nmr_ensemble.average_constraint_violations_per_residue     ? 
_pdbx_nmr_ensemble.maximum_distance_constraint_violation         ? 
_pdbx_nmr_ensemble.average_distance_constraint_violation         ? 
_pdbx_nmr_ensemble.maximum_upper_distance_constraint_violation   ? 
_pdbx_nmr_ensemble.maximum_lower_distance_constraint_violation   ? 
_pdbx_nmr_ensemble.distance_constraint_violation_method          ? 
_pdbx_nmr_ensemble.maximum_torsion_angle_constraint_violation    ? 
_pdbx_nmr_ensemble.average_torsion_angle_constraint_violation    ? 
_pdbx_nmr_ensemble.torsion_angle_constraint_violation_method     ? 
# 
_pdbx_nmr_representative.entry_id             2NPW 
_pdbx_nmr_representative.conformer_id         1 
_pdbx_nmr_representative.selection_criteria   'minimized average structure' 
# 
loop_
_pdbx_nmr_sample_details.solution_id 
_pdbx_nmr_sample_details.contents 
_pdbx_nmr_sample_details.solvent_system 
1 '1.8 mM DNA, 100 mM NaCl, 5 mM phosphate buffer, pH 7.0, 95% H2O, 5% D2O' '95% H2O/5% D2O' 
2 '1.8 mM DNA, 100 mM NaCl, 5 mM phosphate buffer, pH 7.0, 100% D2O'        '100% D2O'       
# 
_pdbx_nmr_exptl_sample_conditions.conditions_id       1 
_pdbx_nmr_exptl_sample_conditions.temperature         298 
_pdbx_nmr_exptl_sample_conditions.pressure            1 
_pdbx_nmr_exptl_sample_conditions.pH                  7.0 
_pdbx_nmr_exptl_sample_conditions.ionic_strength      '100mM NaCl, 5mM Napi' 
_pdbx_nmr_exptl_sample_conditions.pressure_units      atm 
_pdbx_nmr_exptl_sample_conditions.temperature_units   K 
# 
loop_
_pdbx_nmr_exptl.experiment_id 
_pdbx_nmr_exptl.conditions_id 
_pdbx_nmr_exptl.type 
_pdbx_nmr_exptl.solution_id 
1 1 '2D NOESY'         2 
2 1 '2D TOCSY'         2 
3 1 DQF-COSY           2 
4 1 '2D NOESY'         1 
5 1 '2D 1H 31P HETCOR' 2 
# 
_pdbx_nmr_details.entry_id   2NPW 
_pdbx_nmr_details.text       'This structure was determined using standard 2D homonuclear techniques' 
# 
_pdbx_nmr_refine.entry_id           2NPW 
_pdbx_nmr_refine.method             'simulated annealing' 
_pdbx_nmr_refine.details            ? 
_pdbx_nmr_refine.software_ordinal   1 
# 
loop_
_pdbx_nmr_software.classification 
_pdbx_nmr_software.name 
_pdbx_nmr_software.version 
_pdbx_nmr_software.authors 
_pdbx_nmr_software.ordinal 
'structure solution' CNS 1.1 Brunger 1 
refinement           CNS 1.1 Brunger 2 
# 
loop_
_chem_comp_atom.comp_id 
_chem_comp_atom.atom_id 
_chem_comp_atom.type_symbol 
_chem_comp_atom.pdbx_aromatic_flag 
_chem_comp_atom.pdbx_stereo_config 
_chem_comp_atom.pdbx_ordinal 
CPT PT1    PT N N 1   
CPT N1     N  N N 2   
CPT N2     N  N N 3   
CPT H11    H  N N 4   
CPT H12    H  N N 5   
CPT H21    H  N N 6   
CPT H22    H  N N 7   
CPT CL2    CL N N 8   
CPT CL1    CL N N 9   
CPT H13    H  N N 10  
CPT H23    H  N N 11  
DA  OP3    O  N N 12  
DA  P      P  N N 13  
DA  OP1    O  N N 14  
DA  OP2    O  N N 15  
DA  "O5'"  O  N N 16  
DA  "C5'"  C  N N 17  
DA  "C4'"  C  N R 18  
DA  "O4'"  O  N N 19  
DA  "C3'"  C  N S 20  
DA  "O3'"  O  N N 21  
DA  "C2'"  C  N N 22  
DA  "C1'"  C  N R 23  
DA  N9     N  Y N 24  
DA  C8     C  Y N 25  
DA  N7     N  Y N 26  
DA  C5     C  Y N 27  
DA  C6     C  Y N 28  
DA  N6     N  N N 29  
DA  N1     N  Y N 30  
DA  C2     C  Y N 31  
DA  N3     N  Y N 32  
DA  C4     C  Y N 33  
DA  HOP3   H  N N 34  
DA  HOP2   H  N N 35  
DA  "H5'"  H  N N 36  
DA  "H5''" H  N N 37  
DA  "H4'"  H  N N 38  
DA  "H3'"  H  N N 39  
DA  "HO3'" H  N N 40  
DA  "H2'"  H  N N 41  
DA  "H2''" H  N N 42  
DA  "H1'"  H  N N 43  
DA  H8     H  N N 44  
DA  H61    H  N N 45  
DA  H62    H  N N 46  
DA  H2     H  N N 47  
DC  OP3    O  N N 48  
DC  P      P  N N 49  
DC  OP1    O  N N 50  
DC  OP2    O  N N 51  
DC  "O5'"  O  N N 52  
DC  "C5'"  C  N N 53  
DC  "C4'"  C  N R 54  
DC  "O4'"  O  N N 55  
DC  "C3'"  C  N S 56  
DC  "O3'"  O  N N 57  
DC  "C2'"  C  N N 58  
DC  "C1'"  C  N R 59  
DC  N1     N  N N 60  
DC  C2     C  N N 61  
DC  O2     O  N N 62  
DC  N3     N  N N 63  
DC  C4     C  N N 64  
DC  N4     N  N N 65  
DC  C5     C  N N 66  
DC  C6     C  N N 67  
DC  HOP3   H  N N 68  
DC  HOP2   H  N N 69  
DC  "H5'"  H  N N 70  
DC  "H5''" H  N N 71  
DC  "H4'"  H  N N 72  
DC  "H3'"  H  N N 73  
DC  "HO3'" H  N N 74  
DC  "H2'"  H  N N 75  
DC  "H2''" H  N N 76  
DC  "H1'"  H  N N 77  
DC  H41    H  N N 78  
DC  H42    H  N N 79  
DC  H5     H  N N 80  
DC  H6     H  N N 81  
DG  OP3    O  N N 82  
DG  P      P  N N 83  
DG  OP1    O  N N 84  
DG  OP2    O  N N 85  
DG  "O5'"  O  N N 86  
DG  "C5'"  C  N N 87  
DG  "C4'"  C  N R 88  
DG  "O4'"  O  N N 89  
DG  "C3'"  C  N S 90  
DG  "O3'"  O  N N 91  
DG  "C2'"  C  N N 92  
DG  "C1'"  C  N R 93  
DG  N9     N  Y N 94  
DG  C8     C  Y N 95  
DG  N7     N  Y N 96  
DG  C5     C  Y N 97  
DG  C6     C  N N 98  
DG  O6     O  N N 99  
DG  N1     N  N N 100 
DG  C2     C  N N 101 
DG  N2     N  N N 102 
DG  N3     N  N N 103 
DG  C4     C  Y N 104 
DG  HOP3   H  N N 105 
DG  HOP2   H  N N 106 
DG  "H5'"  H  N N 107 
DG  "H5''" H  N N 108 
DG  "H4'"  H  N N 109 
DG  "H3'"  H  N N 110 
DG  "HO3'" H  N N 111 
DG  "H2'"  H  N N 112 
DG  "H2''" H  N N 113 
DG  "H1'"  H  N N 114 
DG  H8     H  N N 115 
DG  H1     H  N N 116 
DG  H21    H  N N 117 
DG  H22    H  N N 118 
DT  OP3    O  N N 119 
DT  P      P  N N 120 
DT  OP1    O  N N 121 
DT  OP2    O  N N 122 
DT  "O5'"  O  N N 123 
DT  "C5'"  C  N N 124 
DT  "C4'"  C  N R 125 
DT  "O4'"  O  N N 126 
DT  "C3'"  C  N S 127 
DT  "O3'"  O  N N 128 
DT  "C2'"  C  N N 129 
DT  "C1'"  C  N R 130 
DT  N1     N  N N 131 
DT  C2     C  N N 132 
DT  O2     O  N N 133 
DT  N3     N  N N 134 
DT  C4     C  N N 135 
DT  O4     O  N N 136 
DT  C5     C  N N 137 
DT  C7     C  N N 138 
DT  C6     C  N N 139 
DT  HOP3   H  N N 140 
DT  HOP2   H  N N 141 
DT  "H5'"  H  N N 142 
DT  "H5''" H  N N 143 
DT  "H4'"  H  N N 144 
DT  "H3'"  H  N N 145 
DT  "HO3'" H  N N 146 
DT  "H2'"  H  N N 147 
DT  "H2''" H  N N 148 
DT  "H1'"  H  N N 149 
DT  H3     H  N N 150 
DT  H71    H  N N 151 
DT  H72    H  N N 152 
DT  H73    H  N N 153 
DT  H6     H  N N 154 
# 
loop_
_chem_comp_bond.comp_id 
_chem_comp_bond.atom_id_1 
_chem_comp_bond.atom_id_2 
_chem_comp_bond.value_order 
_chem_comp_bond.pdbx_aromatic_flag 
_chem_comp_bond.pdbx_stereo_config 
_chem_comp_bond.pdbx_ordinal 
CPT PT1   N1     sing N N 1   
CPT PT1   N2     sing N N 2   
CPT N1    H11    sing N N 3   
CPT N1    H12    sing N N 4   
CPT N1    H13    sing N N 5   
CPT N2    H21    sing N N 6   
CPT N2    H22    sing N N 7   
CPT N2    H23    sing N N 8   
CPT CL2   PT1    sing N N 9   
CPT CL1   PT1    sing N N 10  
DA  OP3   P      sing N N 11  
DA  OP3   HOP3   sing N N 12  
DA  P     OP1    doub N N 13  
DA  P     OP2    sing N N 14  
DA  P     "O5'"  sing N N 15  
DA  OP2   HOP2   sing N N 16  
DA  "O5'" "C5'"  sing N N 17  
DA  "C5'" "C4'"  sing N N 18  
DA  "C5'" "H5'"  sing N N 19  
DA  "C5'" "H5''" sing N N 20  
DA  "C4'" "O4'"  sing N N 21  
DA  "C4'" "C3'"  sing N N 22  
DA  "C4'" "H4'"  sing N N 23  
DA  "O4'" "C1'"  sing N N 24  
DA  "C3'" "O3'"  sing N N 25  
DA  "C3'" "C2'"  sing N N 26  
DA  "C3'" "H3'"  sing N N 27  
DA  "O3'" "HO3'" sing N N 28  
DA  "C2'" "C1'"  sing N N 29  
DA  "C2'" "H2'"  sing N N 30  
DA  "C2'" "H2''" sing N N 31  
DA  "C1'" N9     sing N N 32  
DA  "C1'" "H1'"  sing N N 33  
DA  N9    C8     sing Y N 34  
DA  N9    C4     sing Y N 35  
DA  C8    N7     doub Y N 36  
DA  C8    H8     sing N N 37  
DA  N7    C5     sing Y N 38  
DA  C5    C6     sing Y N 39  
DA  C5    C4     doub Y N 40  
DA  C6    N6     sing N N 41  
DA  C6    N1     doub Y N 42  
DA  N6    H61    sing N N 43  
DA  N6    H62    sing N N 44  
DA  N1    C2     sing Y N 45  
DA  C2    N3     doub Y N 46  
DA  C2    H2     sing N N 47  
DA  N3    C4     sing Y N 48  
DC  OP3   P      sing N N 49  
DC  OP3   HOP3   sing N N 50  
DC  P     OP1    doub N N 51  
DC  P     OP2    sing N N 52  
DC  P     "O5'"  sing N N 53  
DC  OP2   HOP2   sing N N 54  
DC  "O5'" "C5'"  sing N N 55  
DC  "C5'" "C4'"  sing N N 56  
DC  "C5'" "H5'"  sing N N 57  
DC  "C5'" "H5''" sing N N 58  
DC  "C4'" "O4'"  sing N N 59  
DC  "C4'" "C3'"  sing N N 60  
DC  "C4'" "H4'"  sing N N 61  
DC  "O4'" "C1'"  sing N N 62  
DC  "C3'" "O3'"  sing N N 63  
DC  "C3'" "C2'"  sing N N 64  
DC  "C3'" "H3'"  sing N N 65  
DC  "O3'" "HO3'" sing N N 66  
DC  "C2'" "C1'"  sing N N 67  
DC  "C2'" "H2'"  sing N N 68  
DC  "C2'" "H2''" sing N N 69  
DC  "C1'" N1     sing N N 70  
DC  "C1'" "H1'"  sing N N 71  
DC  N1    C2     sing N N 72  
DC  N1    C6     sing N N 73  
DC  C2    O2     doub N N 74  
DC  C2    N3     sing N N 75  
DC  N3    C4     doub N N 76  
DC  C4    N4     sing N N 77  
DC  C4    C5     sing N N 78  
DC  N4    H41    sing N N 79  
DC  N4    H42    sing N N 80  
DC  C5    C6     doub N N 81  
DC  C5    H5     sing N N 82  
DC  C6    H6     sing N N 83  
DG  OP3   P      sing N N 84  
DG  OP3   HOP3   sing N N 85  
DG  P     OP1    doub N N 86  
DG  P     OP2    sing N N 87  
DG  P     "O5'"  sing N N 88  
DG  OP2   HOP2   sing N N 89  
DG  "O5'" "C5'"  sing N N 90  
DG  "C5'" "C4'"  sing N N 91  
DG  "C5'" "H5'"  sing N N 92  
DG  "C5'" "H5''" sing N N 93  
DG  "C4'" "O4'"  sing N N 94  
DG  "C4'" "C3'"  sing N N 95  
DG  "C4'" "H4'"  sing N N 96  
DG  "O4'" "C1'"  sing N N 97  
DG  "C3'" "O3'"  sing N N 98  
DG  "C3'" "C2'"  sing N N 99  
DG  "C3'" "H3'"  sing N N 100 
DG  "O3'" "HO3'" sing N N 101 
DG  "C2'" "C1'"  sing N N 102 
DG  "C2'" "H2'"  sing N N 103 
DG  "C2'" "H2''" sing N N 104 
DG  "C1'" N9     sing N N 105 
DG  "C1'" "H1'"  sing N N 106 
DG  N9    C8     sing Y N 107 
DG  N9    C4     sing Y N 108 
DG  C8    N7     doub Y N 109 
DG  C8    H8     sing N N 110 
DG  N7    C5     sing Y N 111 
DG  C5    C6     sing N N 112 
DG  C5    C4     doub Y N 113 
DG  C6    O6     doub N N 114 
DG  C6    N1     sing N N 115 
DG  N1    C2     sing N N 116 
DG  N1    H1     sing N N 117 
DG  C2    N2     sing N N 118 
DG  C2    N3     doub N N 119 
DG  N2    H21    sing N N 120 
DG  N2    H22    sing N N 121 
DG  N3    C4     sing N N 122 
DT  OP3   P      sing N N 123 
DT  OP3   HOP3   sing N N 124 
DT  P     OP1    doub N N 125 
DT  P     OP2    sing N N 126 
DT  P     "O5'"  sing N N 127 
DT  OP2   HOP2   sing N N 128 
DT  "O5'" "C5'"  sing N N 129 
DT  "C5'" "C4'"  sing N N 130 
DT  "C5'" "H5'"  sing N N 131 
DT  "C5'" "H5''" sing N N 132 
DT  "C4'" "O4'"  sing N N 133 
DT  "C4'" "C3'"  sing N N 134 
DT  "C4'" "H4'"  sing N N 135 
DT  "O4'" "C1'"  sing N N 136 
DT  "C3'" "O3'"  sing N N 137 
DT  "C3'" "C2'"  sing N N 138 
DT  "C3'" "H3'"  sing N N 139 
DT  "O3'" "HO3'" sing N N 140 
DT  "C2'" "C1'"  sing N N 141 
DT  "C2'" "H2'"  sing N N 142 
DT  "C2'" "H2''" sing N N 143 
DT  "C1'" N1     sing N N 144 
DT  "C1'" "H1'"  sing N N 145 
DT  N1    C2     sing N N 146 
DT  N1    C6     sing N N 147 
DT  C2    O2     doub N N 148 
DT  C2    N3     sing N N 149 
DT  N3    C4     sing N N 150 
DT  N3    H3     sing N N 151 
DT  C4    O4     doub N N 152 
DT  C4    C5     sing N N 153 
DT  C5    C7     sing N N 154 
DT  C5    C6     doub N N 155 
DT  C7    H71    sing N N 156 
DT  C7    H72    sing N N 157 
DT  C7    H73    sing N N 158 
DT  C6    H6     sing N N 159 
# 
loop_
_ndb_struct_conf_na.entry_id 
_ndb_struct_conf_na.feature 
2NPW 'double helix'        
2NPW 'b-form double helix' 
# 
loop_
_ndb_struct_na_base_pair.model_number 
_ndb_struct_na_base_pair.i_label_asym_id 
_ndb_struct_na_base_pair.i_label_comp_id 
_ndb_struct_na_base_pair.i_label_seq_id 
_ndb_struct_na_base_pair.i_symmetry 
_ndb_struct_na_base_pair.j_label_asym_id 
_ndb_struct_na_base_pair.j_label_comp_id 
_ndb_struct_na_base_pair.j_label_seq_id 
_ndb_struct_na_base_pair.j_symmetry 
_ndb_struct_na_base_pair.shear 
_ndb_struct_na_base_pair.stretch 
_ndb_struct_na_base_pair.stagger 
_ndb_struct_na_base_pair.buckle 
_ndb_struct_na_base_pair.propeller 
_ndb_struct_na_base_pair.opening 
_ndb_struct_na_base_pair.pair_number 
_ndb_struct_na_base_pair.pair_name 
_ndb_struct_na_base_pair.i_auth_asym_id 
_ndb_struct_na_base_pair.i_auth_seq_id 
_ndb_struct_na_base_pair.i_PDB_ins_code 
_ndb_struct_na_base_pair.j_auth_asym_id 
_ndb_struct_na_base_pair.j_auth_seq_id 
_ndb_struct_na_base_pair.j_PDB_ins_code 
_ndb_struct_na_base_pair.hbond_type_28 
_ndb_struct_na_base_pair.hbond_type_12 
1 A DC 1  1_555 B DG 12 1_555 0.481  -0.331 -0.027 0.526  0.249  1.484  1  A_DC1:DG24_B  A 1  ? B 24 ? 19 1 
1 A DC 2  1_555 B DG 11 1_555 0.261  -0.202 -0.097 -2.860 1.476  3.397  2  A_DC2:DG23_B  A 2  ? B 23 ? 19 1 
1 A DT 3  1_555 B DA 10 1_555 0.021  -0.307 0.063  -4.143 -5.926 -2.024 3  A_DT3:DA22_B  A 3  ? B 22 ? 20 1 
1 A DC 4  1_555 B DG 9  1_555 -0.111 -0.195 -0.003 -5.464 -4.467 -1.064 4  A_DC4:DG21_B  A 4  ? B 21 ? 19 1 
1 A DA 5  1_555 B DT 8  1_555 -0.044 -0.248 0.024  1.101  -4.355 -0.115 5  A_DA5:DT20_B  A 5  ? B 20 ? 20 1 
1 A DG 6  1_555 B DC 7  1_555 -0.502 -0.355 0.137  11.282 -9.030 2.656  6  A_DG6:DC19_B  A 6  ? B 19 ? 19 1 
1 A DG 7  1_555 B DC 6  1_555 -0.643 -0.226 0.021  -5.795 0.073  6.768  7  A_DG7:DC18_B  A 7  ? B 18 ? 19 1 
1 A DC 8  1_555 B DG 5  1_555 0.311  -0.248 -0.029 -1.866 -3.994 -2.240 8  A_DC8:DG17_B  A 8  ? B 17 ? 19 1 
1 A DC 9  1_555 B DG 4  1_555 0.276  -0.163 -0.017 -5.124 -2.766 -5.146 9  A_DC9:DG16_B  A 9  ? B 16 ? 19 1 
1 A DT 10 1_555 B DA 3  1_555 0.107  -0.298 -0.022 2.380  0.693  -2.228 10 A_DT10:DA15_B A 10 ? B 15 ? 20 1 
1 A DC 11 1_555 B DG 2  1_555 -0.074 -0.137 -0.003 1.651  -1.218 3.200  11 A_DC11:DG14_B A 11 ? B 14 ? 19 1 
1 A DC 12 1_555 B DG 1  1_555 0.077  -0.253 0.097  1.084  -0.583 2.306  12 A_DC12:DG13_B A 12 ? B 13 ? 19 1 
# 
loop_
_ndb_struct_na_base_pair_step.model_number 
_ndb_struct_na_base_pair_step.i_label_asym_id_1 
_ndb_struct_na_base_pair_step.i_label_comp_id_1 
_ndb_struct_na_base_pair_step.i_label_seq_id_1 
_ndb_struct_na_base_pair_step.i_symmetry_1 
_ndb_struct_na_base_pair_step.j_label_asym_id_1 
_ndb_struct_na_base_pair_step.j_label_comp_id_1 
_ndb_struct_na_base_pair_step.j_label_seq_id_1 
_ndb_struct_na_base_pair_step.j_symmetry_1 
_ndb_struct_na_base_pair_step.i_label_asym_id_2 
_ndb_struct_na_base_pair_step.i_label_comp_id_2 
_ndb_struct_na_base_pair_step.i_label_seq_id_2 
_ndb_struct_na_base_pair_step.i_symmetry_2 
_ndb_struct_na_base_pair_step.j_label_asym_id_2 
_ndb_struct_na_base_pair_step.j_label_comp_id_2 
_ndb_struct_na_base_pair_step.j_label_seq_id_2 
_ndb_struct_na_base_pair_step.j_symmetry_2 
_ndb_struct_na_base_pair_step.shift 
_ndb_struct_na_base_pair_step.slide 
_ndb_struct_na_base_pair_step.rise 
_ndb_struct_na_base_pair_step.tilt 
_ndb_struct_na_base_pair_step.roll 
_ndb_struct_na_base_pair_step.twist 
_ndb_struct_na_base_pair_step.x_displacement 
_ndb_struct_na_base_pair_step.y_displacement 
_ndb_struct_na_base_pair_step.helical_rise 
_ndb_struct_na_base_pair_step.inclination 
_ndb_struct_na_base_pair_step.tip 
_ndb_struct_na_base_pair_step.helical_twist 
_ndb_struct_na_base_pair_step.step_number 
_ndb_struct_na_base_pair_step.step_name 
_ndb_struct_na_base_pair_step.i_auth_asym_id_1 
_ndb_struct_na_base_pair_step.i_auth_seq_id_1 
_ndb_struct_na_base_pair_step.i_PDB_ins_code_1 
_ndb_struct_na_base_pair_step.j_auth_asym_id_1 
_ndb_struct_na_base_pair_step.j_auth_seq_id_1 
_ndb_struct_na_base_pair_step.j_PDB_ins_code_1 
_ndb_struct_na_base_pair_step.i_auth_asym_id_2 
_ndb_struct_na_base_pair_step.i_auth_seq_id_2 
_ndb_struct_na_base_pair_step.i_PDB_ins_code_2 
_ndb_struct_na_base_pair_step.j_auth_asym_id_2 
_ndb_struct_na_base_pair_step.j_auth_seq_id_2 
_ndb_struct_na_base_pair_step.j_PDB_ins_code_2 
1 A DC 1  1_555 B DG 12 1_555 A DC 2  1_555 B DG 11 1_555 0.092  0.497  4.283 -1.980 7.872  28.379 -1.254 -0.743 4.248 15.656  
3.938  29.494 1  AA_DC1DC2:DG23DG24_BB   A 1  ? B 24 ? A 2  ? B 23 ? 
1 A DC 2  1_555 B DG 11 1_555 A DT 3  1_555 B DA 10 1_555 -1.042 -1.155 3.514 -1.990 10.102 26.123 -4.823 1.670  2.941 21.325  
4.200  28.046 2  AA_DC2DT3:DA22DG23_BB   A 2  ? B 23 ? A 3  ? B 22 ? 
1 A DT 3  1_555 B DA 10 1_555 A DC 4  1_555 B DG 9  1_555 -0.010 -0.395 3.134 1.183  7.922  34.691 -1.739 0.179  2.973 13.070  
-1.951 35.576 3  AA_DT3DC4:DG21DA22_BB   A 3  ? B 22 ? A 4  ? B 21 ? 
1 A DC 4  1_555 B DG 9  1_555 A DA 5  1_555 B DT 8  1_555 0.761  -0.605 3.177 -2.337 16.255 28.145 -3.698 -1.735 2.410 30.375  
4.368  32.501 4  AA_DC4DA5:DT20DG21_BB   A 4  ? B 21 ? A 5  ? B 20 ? 
1 A DA 5  1_555 B DT 8  1_555 A DG 6  1_555 B DC 7  1_555 0.175  -0.938 3.276 -3.108 5.012  21.764 -4.175 -1.550 2.935 12.970  
8.044  22.540 5  AA_DA5DG6:DC19DT20_BB   A 5  ? B 20 ? A 6  ? B 19 ? 
1 A DG 6  1_555 B DC 7  1_555 A DG 7  1_555 B DC 6  1_555 0.931  -1.315 3.603 -2.357 30.201 24.527 -5.388 -1.668 1.241 51.722  
4.036  38.796 6  AA_DG6DG7:DC18DC19_BB   A 6  ? B 19 ? A 7  ? B 18 ? 
1 A DG 7  1_555 B DC 6  1_555 A DC 8  1_555 B DG 5  1_555 -1.373 0.946  3.597 0.712  3.767  36.302 0.932  2.301  3.647 6.026   
-1.139 36.497 7  AA_DG7DC8:DG17DC18_BB   A 7  ? B 18 ? A 8  ? B 17 ? 
1 A DC 8  1_555 B DG 5  1_555 A DC 9  1_555 B DG 4  1_555 0.163  -1.093 3.243 -0.005 0.475  36.113 -1.830 -0.264 3.229 0.767   
0.008  36.116 8  AA_DC8DC9:DG16DG17_BB   A 8  ? B 17 ? A 9  ? B 16 ? 
1 A DC 9  1_555 B DG 4  1_555 A DT 10 1_555 B DA 3  1_555 0.611  -1.027 3.276 0.801  -8.663 27.106 0.003  -1.051 3.448 -17.907 
-1.655 28.443 9  AA_DC9DT10:DA15DG16_BB  A 9  ? B 16 ? A 10 ? B 15 ? 
1 A DT 10 1_555 B DA 3  1_555 A DC 11 1_555 B DG 2  1_555 1.070  -0.613 3.154 4.974  7.860  38.244 -1.815 -1.019 3.084 11.785  
-7.458 39.318 10 AA_DT10DC11:DG14DA15_BB A 10 ? B 15 ? A 11 ? B 14 ? 
1 A DC 11 1_555 B DG 2  1_555 A DC 12 1_555 B DG 1  1_555 -0.834 0.764  3.602 -1.571 20.557 29.679 -2.244 1.083  3.447 35.278  
2.696  36.005 11 AA_DC11DC12:DG13DG14_BB A 11 ? B 14 ? A 12 ? B 13 ? 
# 
loop_
_pdbx_nmr_spectrometer.spectrometer_id 
_pdbx_nmr_spectrometer.model 
_pdbx_nmr_spectrometer.manufacturer 
_pdbx_nmr_spectrometer.field_strength 
_pdbx_nmr_spectrometer.type 
1 INOVA Varian 600 ? 
2 INOVA Varian 800 ? 
# 
_atom_sites.entry_id                    2NPW 
_atom_sites.fract_transf_matrix[1][1]   1.000000 
_atom_sites.fract_transf_matrix[1][2]   0.000000 
_atom_sites.fract_transf_matrix[1][3]   0.000000 
_atom_sites.fract_transf_matrix[2][1]   0.000000 
_atom_sites.fract_transf_matrix[2][2]   1.000000 
_atom_sites.fract_transf_matrix[2][3]   0.000000 
_atom_sites.fract_transf_matrix[3][1]   0.000000 
_atom_sites.fract_transf_matrix[3][2]   0.000000 
_atom_sites.fract_transf_matrix[3][3]   1.000000 
_atom_sites.fract_transf_vector[1]      0.00000 
_atom_sites.fract_transf_vector[2]      0.00000 
_atom_sites.fract_transf_vector[3]      0.00000 
# 
loop_
_atom_type.symbol 
C  
H  
N  
O  
P  
PT 
# 
loop_
_atom_site.group_PDB 
_atom_site.id 
_atom_site.type_symbol 
_atom_site.label_atom_id 
_atom_site.label_alt_id 
_atom_site.label_comp_id 
_atom_site.label_asym_id 
_atom_site.label_entity_id 
_atom_site.label_seq_id 
_atom_site.pdbx_PDB_ins_code 
_atom_site.Cartn_x 
_atom_site.Cartn_y 
_atom_site.Cartn_z 
_atom_site.occupancy 
_atom_site.B_iso_or_equiv 
_atom_site.pdbx_formal_charge 
_atom_site.auth_seq_id 
_atom_site.auth_comp_id 
_atom_site.auth_asym_id 
_atom_site.auth_atom_id 
_atom_site.pdbx_PDB_model_num 
ATOM   1   O  "O5'"  . DC  A 1 1  ? 9.292   14.241  -3.545  1.00 2.68 ? 1  DC  A "O5'"  1 
ATOM   2   C  "C5'"  . DC  A 1 1  ? 8.524   15.089  -4.405  1.00 2.62 ? 1  DC  A "C5'"  1 
ATOM   3   C  "C4'"  . DC  A 1 1  ? 7.269   14.382  -4.873  1.00 2.42 ? 1  DC  A "C4'"  1 
ATOM   4   O  "O4'"  . DC  A 1 1  ? 7.539   13.830  -6.180  1.00 2.31 ? 1  DC  A "O4'"  1 
ATOM   5   C  "C3'"  . DC  A 1 1  ? 6.818   13.208  -3.999  1.00 2.36 ? 1  DC  A "C3'"  1 
ATOM   6   O  "O3'"  . DC  A 1 1  ? 5.656   13.569  -3.242  1.00 2.34 ? 1  DC  A "O3'"  1 
ATOM   7   C  "C2'"  . DC  A 1 1  ? 6.470   12.106  -4.990  1.00 2.14 ? 1  DC  A "C2'"  1 
ATOM   8   C  "C1'"  . DC  A 1 1  ? 6.780   12.654  -6.369  1.00 2.13 ? 1  DC  A "C1'"  1 
ATOM   9   N  N1     . DC  A 1 1  ? 7.570   11.734  -7.193  1.00 2.04 ? 1  DC  A N1     1 
ATOM   10  C  C2     . DC  A 1 1  ? 7.217   11.525  -8.529  1.00 1.95 ? 1  DC  A C2     1 
ATOM   11  O  O2     . DC  A 1 1  ? 6.241   12.128  -8.996  1.00 1.95 ? 1  DC  A O2     1 
ATOM   12  N  N3     . DC  A 1 1  ? 7.951   10.668  -9.277  1.00 1.88 ? 1  DC  A N3     1 
ATOM   13  C  C4     . DC  A 1 1  ? 8.997   10.040  -8.736  1.00 1.90 ? 1  DC  A C4     1 
ATOM   14  N  N4     . DC  A 1 1  ? 9.695   9.207   -9.511  1.00 1.84 ? 1  DC  A N4     1 
ATOM   15  C  C5     . DC  A 1 1  ? 9.377   10.238  -7.377  1.00 1.98 ? 1  DC  A C5     1 
ATOM   16  C  C6     . DC  A 1 1  ? 8.638   11.086  -6.650  1.00 2.05 ? 1  DC  A C6     1 
ATOM   17  H  "H5'"  . DC  A 1 1  ? 9.125   15.356  -5.277  1.00 2.65 ? 1  DC  A "H5'"  1 
ATOM   18  H  "H5''" . DC  A 1 1  ? 8.251   16.001  -3.870  1.00 2.72 ? 1  DC  A "H5''" 1 
ATOM   19  H  "H4'"  . DC  A 1 1  ? 6.448   15.106  -4.875  1.00 2.42 ? 1  DC  A "H4'"  1 
ATOM   20  H  "H3'"  . DC  A 1 1  ? 7.609   12.905  -3.309  1.00 2.50 ? 1  DC  A "H3'"  1 
ATOM   21  H  "H2'"  . DC  A 1 1  ? 7.007   11.182  -4.783  1.00 2.10 ? 1  DC  A "H2'"  1 
ATOM   22  H  "H2''" . DC  A 1 1  ? 5.412   11.883  -4.977  1.00 2.06 ? 1  DC  A "H2''" 1 
ATOM   23  H  "H1'"  . DC  A 1 1  ? 5.867   12.915  -6.907  1.00 2.08 ? 1  DC  A "H1'"  1 
ATOM   24  H  H41    . DC  A 1 1  ? 9.422   9.068   -10.473 1.00 1.80 ? 1  DC  A H41    1 
ATOM   25  H  H42    . DC  A 1 1  ? 10.492  8.715   -9.138  1.00 1.85 ? 1  DC  A H42    1 
ATOM   26  H  H5     . DC  A 1 1  ? 10.234  9.720   -6.946  1.00 1.99 ? 1  DC  A H5     1 
ATOM   27  H  H6     . DC  A 1 1  ? 8.887   11.259  -5.603  1.00 2.13 ? 1  DC  A H6     1 
ATOM   28  H  "HO5'" . DC  A 1 1  ? 9.343   13.380  -3.968  1.00 2.83 ? 1  DC  A "HO5'" 1 
ATOM   29  P  P      . DC  A 1 2  ? 4.831   12.433  -2.450  1.00 2.29 ? 2  DC  A P      1 
ATOM   30  O  OP1    . DC  A 1 2  ? 4.219   13.057  -1.249  1.00 2.47 ? 2  DC  A OP1    1 
ATOM   31  O  OP2    . DC  A 1 2  ? 5.719   11.253  -2.291  1.00 2.37 ? 2  DC  A OP2    1 
ATOM   32  O  "O5'"  . DC  A 1 2  ? 3.660   12.032  -3.454  1.00 2.00 ? 2  DC  A "O5'"  1 
ATOM   33  C  "C5'"  . DC  A 1 2  ? 2.922   13.032  -4.156  1.00 1.99 ? 2  DC  A "C5'"  1 
ATOM   34  C  "C4'"  . DC  A 1 2  ? 1.917   12.395  -5.086  1.00 1.79 ? 2  DC  A "C4'"  1 
ATOM   35  O  "O4'"  . DC  A 1 2  ? 2.637   11.727  -6.146  1.00 1.62 ? 2  DC  A "O4'"  1 
ATOM   36  C  "C3'"  . DC  A 1 2  ? 0.993   11.350  -4.456  1.00 1.74 ? 2  DC  A "C3'"  1 
ATOM   37  O  "O3'"  . DC  A 1 2  ? -0.351  11.547  -4.913  1.00 1.75 ? 2  DC  A "O3'"  1 
ATOM   38  C  "C2'"  . DC  A 1 2  ? 1.540   10.022  -4.951  1.00 1.54 ? 2  DC  A "C2'"  1 
ATOM   39  C  "C1'"  . DC  A 1 2  ? 2.242   10.373  -6.246  1.00 1.44 ? 2  DC  A "C1'"  1 
ATOM   40  N  N1     . DC  A 1 2  ? 3.447   9.574   -6.463  1.00 1.35 ? 2  DC  A N1     1 
ATOM   41  C  C2     . DC  A 1 2  ? 3.628   8.907   -7.675  1.00 1.21 ? 2  DC  A C2     1 
ATOM   42  O  O2     . DC  A 1 2  ? 2.762   9.017   -8.553  1.00 1.16 ? 2  DC  A O2     1 
ATOM   43  N  N3     . DC  A 1 2  ? 4.740   8.158   -7.854  1.00 1.14 ? 2  DC  A N3     1 
ATOM   44  C  C4     . DC  A 1 2  ? 5.645   8.067   -6.877  1.00 1.20 ? 2  DC  A C4     1 
ATOM   45  N  N4     . DC  A 1 2  ? 6.726   7.318   -7.097  1.00 1.14 ? 2  DC  A N4     1 
ATOM   46  C  C5     . DC  A 1 2  ? 5.479   8.743   -5.631  1.00 1.34 ? 2  DC  A C5     1 
ATOM   47  C  C6     . DC  A 1 2  ? 4.380   9.481   -5.476  1.00 1.42 ? 2  DC  A C6     1 
ATOM   48  H  "H5'"  . DC  A 1 2  ? 3.605   13.645  -4.742  1.00 2.00 ? 2  DC  A "H5'"  1 
ATOM   49  H  "H5''" . DC  A 1 2  ? 2.395   13.666  -3.444  1.00 2.14 ? 2  DC  A "H5''" 1 
ATOM   50  H  "H4'"  . DC  A 1 2  ? 1.274   13.188  -5.452  1.00 1.85 ? 2  DC  A "H4'"  1 
ATOM   51  H  "H3'"  . DC  A 1 2  ? 1.011   11.417  -3.368  1.00 1.85 ? 2  DC  A "H3'"  1 
ATOM   52  H  "H2'"  . DC  A 1 2  ? 2.218   9.572   -4.226  1.00 1.56 ? 2  DC  A "H2'"  1 
ATOM   53  H  "H2''" . DC  A 1 2  ? 0.743   9.307   -5.142  1.00 1.46 ? 2  DC  A "H2''" 1 
ATOM   54  H  "H1'"  . DC  A 1 2  ? 1.584   10.268  -7.104  1.00 1.34 ? 2  DC  A "H1'"  1 
ATOM   55  H  H41    . DC  A 1 2  ? 6.836   6.842   -7.981  1.00 1.05 ? 2  DC  A H41    1 
ATOM   56  H  H42    . DC  A 1 2  ? 7.433   7.224   -6.383  1.00 1.18 ? 2  DC  A H42    1 
ATOM   57  H  H5     . DC  A 1 2  ? 6.217   8.660   -4.836  1.00 1.40 ? 2  DC  A H5     1 
ATOM   58  H  H6     . DC  A 1 2  ? 4.221   10.024  -4.543  1.00 1.54 ? 2  DC  A H6     1 
ATOM   59  P  P      . DT  A 1 3  ? -1.450  10.392  -4.693  1.00 1.69 ? 3  DT  A P      1 
ATOM   60  O  OP1    . DT  A 1 3  ? -2.797  11.000  -4.844  1.00 1.81 ? 3  DT  A OP1    1 
ATOM   61  O  OP2    . DT  A 1 3  ? -1.108  9.673   -3.440  1.00 1.76 ? 3  DT  A OP2    1 
ATOM   62  O  "O5'"  . DT  A 1 3  ? -1.208  9.398   -5.916  1.00 1.42 ? 3  DT  A "O5'"  1 
ATOM   63  C  "C5'"  . DT  A 1 3  ? -1.340  9.854   -7.264  1.00 1.34 ? 3  DT  A "C5'"  1 
ATOM   64  C  "C4'"  . DT  A 1 3  ? -1.944  8.775   -8.131  1.00 1.18 ? 3  DT  A "C4'"  1 
ATOM   65  O  "O4'"  . DT  A 1 3  ? -0.881  7.966   -8.687  1.00 1.04 ? 3  DT  A "O4'"  1 
ATOM   66  C  "C3'"  . DT  A 1 3  ? -2.885  7.801   -7.421  1.00 1.23 ? 3  DT  A "C3'"  1 
ATOM   67  O  "O3'"  . DT  A 1 3  ? -3.967  7.457   -8.305  1.00 1.19 ? 3  DT  A "O3'"  1 
ATOM   68  C  "C2'"  . DT  A 1 3  ? -1.989  6.615   -7.113  1.00 1.14 ? 3  DT  A "C2'"  1 
ATOM   69  C  "C1'"  . DT  A 1 3  ? -1.027  6.616   -8.283  1.00 0.99 ? 3  DT  A "C1'"  1 
ATOM   70  N  N1     . DT  A 1 3  ? 0.305   6.104   -7.957  1.00 0.92 ? 3  DT  A N1     1 
ATOM   71  C  C2     . DT  A 1 3  ? 0.932   5.262   -8.842  1.00 0.78 ? 3  DT  A C2     1 
ATOM   72  O  O2     . DT  A 1 3  ? 0.431   4.907   -9.894  1.00 0.72 ? 3  DT  A O2     1 
ATOM   73  N  N3     . DT  A 1 3  ? 2.174   4.849   -8.448  1.00 0.74 ? 3  DT  A N3     1 
ATOM   74  C  C4     . DT  A 1 3  ? 2.829   5.176   -7.284  1.00 0.83 ? 3  DT  A C4     1 
ATOM   75  O  O4     . DT  A 1 3  ? 3.950   4.721   -7.067  1.00 0.80 ? 3  DT  A O4     1 
ATOM   76  C  C5     . DT  A 1 3  ? 2.104   6.053   -6.391  1.00 1.00 ? 3  DT  A C5     1 
ATOM   77  C  C7     . DT  A 1 3  ? 2.662   6.307   -5.027  1.00 1.12 ? 3  DT  A C7     1 
ATOM   78  C  C6     . DT  A 1 3  ? 0.893   6.484   -6.777  1.00 1.03 ? 3  DT  A C6     1 
ATOM   79  H  "H5'"  . DT  A 1 3  ? -0.361  10.125  -7.660  1.00 1.30 ? 3  DT  A "H5'"  1 
ATOM   80  H  "H5''" . DT  A 1 3  ? -1.984  10.728  -7.289  1.00 1.45 ? 3  DT  A "H5''" 1 
ATOM   81  H  "H4'"  . DT  A 1 3  ? -2.537  9.272   -8.895  1.00 1.18 ? 3  DT  A "H4'"  1 
ATOM   82  H  "H3'"  . DT  A 1 3  ? -3.289  8.245   -6.514  1.00 1.37 ? 3  DT  A "H3'"  1 
ATOM   83  H  "H2'"  . DT  A 1 3  ? -1.481  6.740   -6.160  1.00 1.21 ? 3  DT  A "H2'"  1 
ATOM   84  H  "H2''" . DT  A 1 3  ? -2.552  5.690   -7.060  1.00 1.14 ? 3  DT  A "H2''" 1 
ATOM   85  H  "H1'"  . DT  A 1 3  ? -1.424  6.049   -9.122  1.00 0.91 ? 3  DT  A "H1'"  1 
ATOM   86  H  H3     . DT  A 1 3  ? 2.657   4.229   -9.082  1.00 0.64 ? 3  DT  A H3     1 
ATOM   87  H  H71    . DT  A 1 3  ? 3.160   5.407   -4.667  1.00 1.28 ? 3  DT  A H71    1 
ATOM   88  H  H72    . DT  A 1 3  ? 1.854   6.572   -4.346  1.00 1.31 ? 3  DT  A H72    1 
ATOM   89  H  H73    . DT  A 1 3  ? 3.380   7.121   -5.075  1.00 1.44 ? 3  DT  A H73    1 
ATOM   90  H  H6     . DT  A 1 3  ? 0.346   7.182   -6.135  1.00 1.16 ? 3  DT  A H6     1 
ATOM   91  P  P      . DC  A 1 4  ? -4.709  6.037   -8.167  1.00 1.27 ? 4  DC  A P      1 
ATOM   92  O  OP1    . DC  A 1 4  ? -5.990  6.142   -8.912  1.00 1.36 ? 4  DC  A OP1    1 
ATOM   93  O  OP2    . DC  A 1 4  ? -4.728  5.643   -6.734  1.00 1.39 ? 4  DC  A OP2    1 
ATOM   94  O  "O5'"  . DC  A 1 4  ? -3.763  5.028   -8.961  1.00 1.14 ? 4  DC  A "O5'"  1 
ATOM   95  C  "C5'"  . DC  A 1 4  ? -3.721  5.027   -10.392 1.00 1.10 ? 4  DC  A "C5'"  1 
ATOM   96  C  "C4'"  . DC  A 1 4  ? -3.720  3.608   -10.916 1.00 1.07 ? 4  DC  A "C4'"  1 
ATOM   97  O  "O4'"  . DC  A 1 4  ? -2.426  3.012   -10.653 1.00 1.00 ? 4  DC  A "O4'"  1 
ATOM   98  C  "C3'"  . DC  A 1 4  ? -4.733  2.673   -10.262 1.00 1.16 ? 4  DC  A "C3'"  1 
ATOM   99  O  "O3'"  . DC  A 1 4  ? -5.119  1.640   -11.178 1.00 1.17 ? 4  DC  A "O3'"  1 
ATOM   100 C  "C2'"  . DC  A 1 4  ? -3.947  2.101   -9.096  1.00 1.13 ? 4  DC  A "C2'"  1 
ATOM   101 C  "C1'"  . DC  A 1 4  ? -2.550  1.965   -9.698  1.00 1.00 ? 4  DC  A "C1'"  1 
ATOM   102 N  N1     . DC  A 1 4  ? -1.421  2.096   -8.756  1.00 0.93 ? 4  DC  A N1     1 
ATOM   103 C  C2     . DC  A 1 4  ? -0.234  1.403   -9.031  1.00 0.82 ? 4  DC  A C2     1 
ATOM   104 O  O2     . DC  A 1 4  ? -0.182  0.666   -10.028 1.00 0.79 ? 4  DC  A O2     1 
ATOM   105 N  N3     . DC  A 1 4  ? 0.825   1.552   -8.203  1.00 0.77 ? 4  DC  A N3     1 
ATOM   106 C  C4     . DC  A 1 4  ? 0.728   2.344   -7.134  1.00 0.84 ? 4  DC  A C4     1 
ATOM   107 N  N4     . DC  A 1 4  ? 1.795   2.465   -6.346  1.00 0.81 ? 4  DC  A N4     1 
ATOM   108 C  C5     . DC  A 1 4  ? -0.470  3.048   -6.822  1.00 0.97 ? 4  DC  A C5     1 
ATOM   109 C  C6     . DC  A 1 4  ? -1.510  2.892   -7.648  1.00 1.00 ? 4  DC  A C6     1 
ATOM   110 H  "H5'"  . DC  A 1 4  ? -2.817  5.532   -10.733 1.00 1.06 ? 4  DC  A "H5'"  1 
ATOM   111 H  "H5''" . DC  A 1 4  ? -4.593  5.550   -10.786 1.00 1.17 ? 4  DC  A "H5''" 1 
ATOM   112 H  "H4'"  . DC  A 1 4  ? -3.967  3.647   -11.978 1.00 1.07 ? 4  DC  A "H4'"  1 
ATOM   113 H  "H3'"  . DC  A 1 4  ? -5.620  3.217   -9.935  1.00 1.24 ? 4  DC  A "H3'"  1 
ATOM   114 H  "H2'"  . DC  A 1 4  ? -3.968  2.776   -8.244  1.00 1.16 ? 4  DC  A "H2'"  1 
ATOM   115 H  "H2''" . DC  A 1 4  ? -4.364  1.154   -8.765  1.00 1.21 ? 4  DC  A "H2''" 1 
ATOM   116 H  "H1'"  . DC  A 1 4  ? -2.447  1.018   -10.230 1.00 0.98 ? 4  DC  A "H1'"  1 
ATOM   117 H  H41    . DC  A 1 4  ? 2.663   2.000   -6.555  1.00 0.72 ? 4  DC  A H41    1 
ATOM   118 H  H42    . DC  A 1 4  ? 1.738   3.053   -5.533  1.00 0.89 ? 4  DC  A H42    1 
ATOM   119 H  H5     . DC  A 1 4  ? -0.536  3.692   -5.946  1.00 1.04 ? 4  DC  A H5     1 
ATOM   120 H  H6     . DC  A 1 4  ? -2.443  3.406   -7.429  1.00 1.10 ? 4  DC  A H6     1 
ATOM   121 P  P      . DA  A 1 5  ? -6.136  0.490   -10.703 1.00 1.30 ? 5  DA  A P      1 
ATOM   122 O  OP1    . DA  A 1 5  ? -6.716  -0.123  -11.925 1.00 1.49 ? 5  DA  A OP1    1 
ATOM   123 O  OP2    . DA  A 1 5  ? -7.038  1.055   -9.667  1.00 1.56 ? 5  DA  A OP2    1 
ATOM   124 O  "O5'"  . DA  A 1 5  ? -5.196  -0.589  -10.002 1.00 1.03 ? 5  DA  A "O5'"  1 
ATOM   125 C  "C5'"  . DA  A 1 5  ? -4.162  -1.249  -10.733 1.00 0.92 ? 5  DA  A "C5'"  1 
ATOM   126 C  "C4'"  . DA  A 1 5  ? -3.505  -2.306  -9.876  1.00 0.75 ? 5  DA  A "C4'"  1 
ATOM   127 O  "O4'"  . DA  A 1 5  ? -2.345  -1.741  -9.241  1.00 0.69 ? 5  DA  A "O4'"  1 
ATOM   128 C  "C3'"  . DA  A 1 5  ? -4.360  -2.876  -8.740  1.00 0.74 ? 5  DA  A "C3'"  1 
ATOM   129 O  "O3'"  . DA  A 1 5  ? -4.852  -4.169  -9.122  1.00 0.87 ? 5  DA  A "O3'"  1 
ATOM   130 C  "C2'"  . DA  A 1 5  ? -3.398  -2.975  -7.557  1.00 0.70 ? 5  DA  A "C2'"  1 
ATOM   131 C  "C1'"  . DA  A 1 5  ? -2.054  -2.527  -8.111  1.00 0.67 ? 5  DA  A "C1'"  1 
ATOM   132 N  N9     . DA  A 1 5  ? -1.299  -1.700  -7.180  1.00 0.63 ? 5  DA  A N9     1 
ATOM   133 C  C8     . DA  A 1 5  ? -1.807  -0.641  -6.496  1.00 0.62 ? 5  DA  A C8     1 
ATOM   134 N  N7     . DA  A 1 5  ? -0.935  -0.044  -5.717  1.00 0.59 ? 5  DA  A N7     1 
ATOM   135 C  C5     . DA  A 1 5  ? 0.230   -0.774  -5.909  1.00 0.57 ? 5  DA  A C5     1 
ATOM   136 C  C6     . DA  A 1 5  ? 1.525   -0.661  -5.368  1.00 0.54 ? 5  DA  A C6     1 
ATOM   137 N  N6     . DA  A 1 5  ? 1.881   0.265   -4.478  1.00 0.52 ? 5  DA  A N6     1 
ATOM   138 N  N1     . DA  A 1 5  ? 2.453   -1.555  -5.775  1.00 0.54 ? 5  DA  A N1     1 
ATOM   139 C  C2     . DA  A 1 5  ? 2.093   -2.494  -6.661  1.00 0.57 ? 5  DA  A C2     1 
ATOM   140 N  N3     . DA  A 1 5  ? 0.913   -2.708  -7.228  1.00 0.59 ? 5  DA  A N3     1 
ATOM   141 C  C4     . DA  A 1 5  ? 0.016   -1.801  -6.807  1.00 0.59 ? 5  DA  A C4     1 
ATOM   142 H  "H5'"  . DA  A 1 5  ? -3.409  -0.522  -11.041 1.00 0.95 ? 5  DA  A "H5'"  1 
ATOM   143 H  "H5''" . DA  A 1 5  ? -4.584  -1.720  -11.623 1.00 1.02 ? 5  DA  A "H5''" 1 
ATOM   144 H  "H4'"  . DA  A 1 5  ? -3.262  -3.144  -10.521 1.00 0.81 ? 5  DA  A "H4'"  1 
ATOM   145 H  "H3'"  . DA  A 1 5  ? -5.209  -2.224  -8.523  1.00 0.75 ? 5  DA  A "H3'"  1 
ATOM   146 H  "H2'"  . DA  A 1 5  ? -3.725  -2.355  -6.721  1.00 0.69 ? 5  DA  A "H2'"  1 
ATOM   147 H  "H2''" . DA  A 1 5  ? -3.322  -3.994  -7.188  1.00 0.73 ? 5  DA  A "H2''" 1 
ATOM   148 H  "H1'"  . DA  A 1 5  ? -1.437  -3.371  -8.422  1.00 0.69 ? 5  DA  A "H1'"  1 
ATOM   149 H  H8     . DA  A 1 5  ? -2.837  -0.338  -6.587  1.00 0.65 ? 5  DA  A H8     1 
ATOM   150 H  H61    . DA  A 1 5  ? 2.834   0.298   -4.139  1.00 0.51 ? 5  DA  A H61    1 
ATOM   151 H  H62    . DA  A 1 5  ? 1.208   0.940   -4.150  1.00 0.53 ? 5  DA  A H62    1 
ATOM   152 H  H2     . DA  A 1 5  ? 2.882   -3.176  -6.964  1.00 0.58 ? 5  DA  A H2     1 
ATOM   153 P  P      . DG  A 1 6  ? -5.317  -5.221  -7.996  1.00 0.96 ? 6  DG  A P      1 
ATOM   154 O  OP1    . DG  A 1 6  ? -6.023  -6.341  -8.668  1.00 1.16 ? 6  DG  A OP1    1 
ATOM   155 O  OP2    . DG  A 1 6  ? -6.004  -4.460  -6.921  1.00 0.92 ? 6  DG  A OP2    1 
ATOM   156 O  "O5'"  . DG  A 1 6  ? -3.945  -5.778  -7.405  1.00 0.92 ? 6  DG  A "O5'"  1 
ATOM   157 C  "C5'"  . DG  A 1 6  ? -2.962  -6.373  -8.257  1.00 0.95 ? 6  DG  A "C5'"  1 
ATOM   158 C  "C4'"  . DG  A 1 6  ? -1.813  -6.906  -7.434  1.00 0.89 ? 6  DG  A "C4'"  1 
ATOM   159 O  "O4'"  . DG  A 1 6  ? -1.132  -5.806  -6.777  1.00 0.82 ? 6  DG  A "O4'"  1 
ATOM   160 C  "C3'"  . DG  A 1 6  ? -2.228  -7.876  -6.320  1.00 0.85 ? 6  DG  A "C3'"  1 
ATOM   161 O  "O3'"  . DG  A 1 6  ? -1.514  -9.110  -6.444  1.00 0.87 ? 6  DG  A "O3'"  1 
ATOM   162 C  "C2'"  . DG  A 1 6  ? -1.834  -7.163  -5.034  1.00 0.77 ? 6  DG  A "C2'"  1 
ATOM   163 C  "C1'"  . DG  A 1 6  ? -0.735  -6.236  -5.491  1.00 0.75 ? 6  DG  A "C1'"  1 
ATOM   164 N  N9     . DG  A 1 6  ? -0.538  -5.062  -4.647  1.00 0.69 ? 6  DG  A N9     1 
ATOM   165 C  C8     . DG  A 1 6  ? -1.478  -4.137  -4.270  1.00 0.67 ? 6  DG  A C8     1 
ATOM   166 N  N7     . DG  A 1 6  ? -1.001  -3.199  -3.500  1.00 0.62 ? 6  DG  A N7     1 
ATOM   167 C  C5     . DG  A 1 6  ? 0.342   -3.522  -3.366  1.00 0.61 ? 6  DG  A C5     1 
ATOM   168 C  C6     . DG  A 1 6  ? 1.370   -2.877  -2.638  1.00 0.58 ? 6  DG  A C6     1 
ATOM   169 O  O6     . DG  A 1 6  ? 1.302   -1.844  -1.964  1.00 0.55 ? 6  DG  A O6     1 
ATOM   170 N  N1     . DG  A 1 6  ? 2.577   -3.554  -2.747  1.00 0.60 ? 6  DG  A N1     1 
ATOM   171 C  C2     . DG  A 1 6  ? 2.773   -4.705  -3.471  1.00 0.64 ? 6  DG  A C2     1 
ATOM   172 N  N2     . DG  A 1 6  ? 4.011   -5.210  -3.457  1.00 0.66 ? 6  DG  A N2     1 
ATOM   173 N  N3     . DG  A 1 6  ? 1.825   -5.313  -4.160  1.00 0.66 ? 6  DG  A N3     1 
ATOM   174 C  C4     . DG  A 1 6  ? 0.641   -4.675  -4.060  1.00 0.65 ? 6  DG  A C4     1 
ATOM   175 H  "H5'"  . DG  A 1 6  ? -2.585  -5.631  -8.962  1.00 0.97 ? 6  DG  A "H5'"  1 
ATOM   176 H  "H5''" . DG  A 1 6  ? -3.412  -7.196  -8.815  1.00 1.02 ? 6  DG  A "H5''" 1 
ATOM   177 H  "H4'"  . DG  A 1 6  ? -1.166  -7.470  -8.111  1.00 0.93 ? 6  DG  A "H4'"  1 
ATOM   178 H  "H3'"  . DG  A 1 6  ? -3.298  -8.077  -6.360  1.00 0.89 ? 6  DG  A "H3'"  1 
ATOM   179 H  "H2'"  . DG  A 1 6  ? -2.679  -6.624  -4.607  1.00 0.76 ? 6  DG  A "H2'"  1 
ATOM   180 H  "H2''" . DG  A 1 6  ? -1.476  -7.865  -4.279  1.00 0.74 ? 6  DG  A "H2''" 1 
ATOM   181 H  "H1'"  . DG  A 1 6  ? 0.218   -6.764  -5.587  1.00 0.76 ? 6  DG  A "H1'"  1 
ATOM   182 H  H8     . DG  A 1 6  ? -2.516  -4.193  -4.561  1.00 0.71 ? 6  DG  A H8     1 
ATOM   183 H  H1     . DG  A 1 6  ? 3.368   -3.165  -2.253  1.00 0.59 ? 6  DG  A H1     1 
ATOM   184 H  H21    . DG  A 1 6  ? 4.741   -4.758  -2.920  1.00 0.66 ? 6  DG  A H21    1 
ATOM   185 H  H22    . DG  A 1 6  ? 4.212   -6.053  -3.973  1.00 0.70 ? 6  DG  A H22    1 
ATOM   186 P  P      . DG  A 1 7  ? -1.727  -10.270 -5.350  1.00 0.82 ? 7  DG  A P      1 
ATOM   187 O  OP1    . DG  A 1 7  ? -0.762  -11.355 -5.660  1.00 0.85 ? 7  DG  A OP1    1 
ATOM   188 O  OP2    . DG  A 1 7  ? -3.177  -10.579 -5.278  1.00 0.91 ? 7  DG  A OP2    1 
ATOM   189 O  "O5'"  . DG  A 1 7  ? -1.294  -9.591  -3.974  1.00 0.66 ? 7  DG  A "O5'"  1 
ATOM   190 C  "C5'"  . DG  A 1 7  ? 0.066   -9.611  -3.536  1.00 0.63 ? 7  DG  A "C5'"  1 
ATOM   191 C  "C4'"  . DG  A 1 7  ? 0.135   -9.464  -2.034  1.00 0.54 ? 7  DG  A "C4'"  1 
ATOM   192 O  "O4'"  . DG  A 1 7  ? 0.396   -8.078  -1.708  1.00 0.53 ? 7  DG  A "O4'"  1 
ATOM   193 C  "C3'"  . DG  A 1 7  ? -1.145  -9.846  -1.280  1.00 0.53 ? 7  DG  A "C3'"  1 
ATOM   194 O  "O3'"  . DG  A 1 7  ? -0.864  -10.875 -0.326  1.00 0.57 ? 7  DG  A "O3'"  1 
ATOM   195 C  "C2'"  . DG  A 1 7  ? -1.573  -8.567  -0.572  1.00 0.49 ? 7  DG  A "C2'"  1 
ATOM   196 C  "C1'"  . DG  A 1 7  ? -0.288  -7.759  -0.518  1.00 0.48 ? 7  DG  A "C1'"  1 
ATOM   197 N  N9     . DG  A 1 7  ? -0.426  -6.304  -0.455  1.00 0.48 ? 7  DG  A N9     1 
ATOM   198 C  C8     . DG  A 1 7  ? -1.319  -5.498  -1.125  1.00 0.48 ? 7  DG  A C8     1 
ATOM   199 N  N7     . DG  A 1 7  ? -1.172  -4.229  -0.850  1.00 0.49 ? 7  DG  A N7     1 
ATOM   200 C  C5     . DG  A 1 7  ? -0.118  -4.195  0.053   1.00 0.50 ? 7  DG  A C5     1 
ATOM   201 C  C6     . DG  A 1 7  ? 0.503   -3.096  0.703   1.00 0.52 ? 7  DG  A C6     1 
ATOM   202 O  O6     . DG  A 1 7  ? 0.230   -1.893  0.614   1.00 0.53 ? 7  DG  A O6     1 
ATOM   203 N  N1     . DG  A 1 7  ? 1.542   -3.511  1.531   1.00 0.53 ? 7  DG  A N1     1 
ATOM   204 C  C2     . DG  A 1 7  ? 1.926   -4.818  1.716   1.00 0.53 ? 7  DG  A C2     1 
ATOM   205 N  N2     . DG  A 1 7  ? 2.941   -5.028  2.557   1.00 0.56 ? 7  DG  A N2     1 
ATOM   206 N  N3     . DG  A 1 7  ? 1.355   -5.847  1.121   1.00 0.51 ? 7  DG  A N3     1 
ATOM   207 C  C4     . DG  A 1 7  ? 0.351   -5.467  0.308   1.00 0.49 ? 7  DG  A C4     1 
ATOM   208 H  "H5'"  . DG  A 1 7  ? 0.613   -8.791  -4.000  1.00 0.70 ? 7  DG  A "H5'"  1 
ATOM   209 H  "H5''" . DG  A 1 7  ? 0.529   -10.556 -3.823  1.00 0.66 ? 7  DG  A "H5''" 1 
ATOM   210 H  "H4'"  . DG  A 1 7  ? 0.917   -10.143 -1.681  1.00 0.57 ? 7  DG  A "H4'"  1 
ATOM   211 H  "H3'"  . DG  A 1 7  ? -1.911  -10.202 -1.969  1.00 0.60 ? 7  DG  A "H3'"  1 
ATOM   212 H  "H2'"  . DG  A 1 7  ? -2.359  -8.060  -1.121  1.00 0.52 ? 7  DG  A "H2'"  1 
ATOM   213 H  "H2''" . DG  A 1 7  ? -1.962  -8.779  0.417   1.00 0.49 ? 7  DG  A "H2''" 1 
ATOM   214 H  "H1'"  . DG  A 1 7  ? 0.337   -8.080  0.322   1.00 0.51 ? 7  DG  A "H1'"  1 
ATOM   215 H  H8     . DG  A 1 7  ? -2.058  -5.869  -1.814  1.00 0.48 ? 7  DG  A H8     1 
ATOM   216 H  H1     . DG  A 1 7  ? 2.048   -2.794  2.031   1.00 0.55 ? 7  DG  A H1     1 
ATOM   217 H  H21    . DG  A 1 7  ? 3.401   -4.246  3.011   1.00 0.58 ? 7  DG  A H21    1 
ATOM   218 H  H22    . DG  A 1 7  ? 3.262   -5.970  2.730   1.00 0.57 ? 7  DG  A H22    1 
ATOM   219 P  P      . DC  A 1 8  ? -2.074  -11.684 0.359   1.00 0.67 ? 8  DC  A P      1 
ATOM   220 O  OP1    . DC  A 1 8  ? -2.062  -13.058 -0.205  1.00 0.80 ? 8  DC  A OP1    1 
ATOM   221 O  OP2    . DC  A 1 8  ? -3.309  -10.864 0.265   1.00 0.66 ? 8  DC  A OP2    1 
ATOM   222 O  "O5'"  . DC  A 1 8  ? -1.654  -11.771 1.895   1.00 0.70 ? 8  DC  A "O5'"  1 
ATOM   223 C  "C5'"  . DC  A 1 8  ? -0.558  -12.588 2.310   1.00 0.74 ? 8  DC  A "C5'"  1 
ATOM   224 C  "C4'"  . DC  A 1 8  ? 0.145   -11.965 3.494   1.00 0.72 ? 8  DC  A "C4'"  1 
ATOM   225 O  "O4'"  . DC  A 1 8  ? 0.220   -10.532 3.295   1.00 0.70 ? 8  DC  A "O4'"  1 
ATOM   226 C  "C3'"  . DC  A 1 8  ? -0.540  -12.179 4.847   1.00 0.69 ? 8  DC  A "C3'"  1 
ATOM   227 O  "O3'"  . DC  A 1 8  ? 0.431   -12.583 5.821   1.00 0.74 ? 8  DC  A "O3'"  1 
ATOM   228 C  "C2'"  . DC  A 1 8  ? -1.120  -10.815 5.194   1.00 0.59 ? 8  DC  A "C2'"  1 
ATOM   229 C  "C1'"  . DC  A 1 8  ? -0.203  -9.853  4.462   1.00 0.62 ? 8  DC  A "C1'"  1 
ATOM   230 N  N1     . DC  A 1 8  ? -0.847  -8.600  4.041   1.00 0.57 ? 8  DC  A N1     1 
ATOM   231 C  C2     . DC  A 1 8  ? -0.346  -7.380  4.509   1.00 0.55 ? 8  DC  A C2     1 
ATOM   232 O  O2     . DC  A 1 8  ? 0.615   -7.384  5.292   1.00 0.57 ? 8  DC  A O2     1 
ATOM   233 N  N3     . DC  A 1 8  ? -0.923  -6.229  4.096   1.00 0.55 ? 8  DC  A N3     1 
ATOM   234 C  C4     . DC  A 1 8  ? -1.957  -6.267  3.254   1.00 0.55 ? 8  DC  A C4     1 
ATOM   235 N  N4     . DC  A 1 8  ? -2.491  -5.108  2.870   1.00 0.58 ? 8  DC  A N4     1 
ATOM   236 C  C5     . DC  A 1 8  ? -2.492  -7.494  2.768   1.00 0.56 ? 8  DC  A C5     1 
ATOM   237 C  C6     . DC  A 1 8  ? -1.915  -8.627  3.191   1.00 0.57 ? 8  DC  A C6     1 
ATOM   238 H  "H5'"  . DC  A 1 8  ? 0.153   -12.693 1.490   1.00 0.79 ? 8  DC  A "H5'"  1 
ATOM   239 H  "H5''" . DC  A 1 8  ? -0.924  -13.576 2.592   1.00 0.76 ? 8  DC  A "H5''" 1 
ATOM   240 H  "H4'"  . DC  A 1 8  ? 1.128   -12.435 3.570   1.00 0.77 ? 8  DC  A "H4'"  1 
ATOM   241 H  "H3'"  . DC  A 1 8  ? -1.312  -12.946 4.778   1.00 0.71 ? 8  DC  A "H3'"  1 
ATOM   242 H  "H2'"  . DC  A 1 8  ? -2.157  -10.724 4.867   1.00 0.57 ? 8  DC  A "H2'"  1 
ATOM   243 H  "H2''" . DC  A 1 8  ? -1.107  -10.643 6.267   1.00 0.56 ? 8  DC  A "H2''" 1 
ATOM   244 H  "H1'"  . DC  A 1 8  ? 0.682   -9.612  5.055   1.00 0.63 ? 8  DC  A "H1'"  1 
ATOM   245 H  H41    . DC  A 1 8  ? -2.115  -4.242  3.223   1.00 0.58 ? 8  DC  A H41    1 
ATOM   246 H  H42    . DC  A 1 8  ? -3.274  -5.097  2.236   1.00 0.59 ? 8  DC  A H42    1 
ATOM   247 H  H5     . DC  A 1 8  ? -3.337  -7.512  2.082   1.00 0.57 ? 8  DC  A H5     1 
ATOM   248 H  H6     . DC  A 1 8  ? -2.312  -9.585  2.859   1.00 0.59 ? 8  DC  A H6     1 
ATOM   249 P  P      . DC  A 1 9  ? -0.002  -12.767 7.359   1.00 0.73 ? 9  DC  A P      1 
ATOM   250 O  OP1    . DC  A 1 9  ? 0.909   -13.761 7.982   1.00 0.82 ? 9  DC  A OP1    1 
ATOM   251 O  OP2    . DC  A 1 9  ? -1.470  -12.994 7.396   1.00 0.70 ? 9  DC  A OP2    1 
ATOM   252 O  "O5'"  . DC  A 1 9  ? 0.293   -11.343 8.008   1.00 0.66 ? 9  DC  A "O5'"  1 
ATOM   253 C  "C5'"  . DC  A 1 9  ? 1.508   -10.643 7.728   1.00 0.68 ? 9  DC  A "C5'"  1 
ATOM   254 C  "C4'"  . DC  A 1 9  ? 1.654   -9.458  8.655   1.00 0.62 ? 9  DC  A "C4'"  1 
ATOM   255 O  "O4'"  . DC  A 1 9  ? 1.051   -8.299  8.030   1.00 0.54 ? 9  DC  A "O4'"  1 
ATOM   256 C  "C3'"  . DC  A 1 9  ? 0.967   -9.626  10.012  1.00 0.58 ? 9  DC  A "C3'"  1 
ATOM   257 O  "O3'"  . DC  A 1 9  ? 1.833   -9.184  11.063  1.00 0.63 ? 9  DC  A "O3'"  1 
ATOM   258 C  "C2'"  . DC  A 1 9  ? -0.270  -8.748  9.908   1.00 0.49 ? 9  DC  A "C2'"  1 
ATOM   259 C  "C1'"  . DC  A 1 9  ? 0.149   -7.673  8.922   1.00 0.47 ? 9  DC  A "C1'"  1 
ATOM   260 N  N1     . DC  A 1 9  ? -0.942  -7.089  8.118   1.00 0.44 ? 9  DC  A N1     1 
ATOM   261 C  C2     . DC  A 1 9  ? -1.089  -5.695  8.085   1.00 0.44 ? 9  DC  A C2     1 
ATOM   262 O  O2     . DC  A 1 9  ? -0.317  -4.991  8.754   1.00 0.43 ? 9  DC  A O2     1 
ATOM   263 N  N3     . DC  A 1 9  ? -2.067  -5.152  7.327   1.00 0.48 ? 9  DC  A N3     1 
ATOM   264 C  C4     . DC  A 1 9  ? -2.881  -5.940  6.623   1.00 0.51 ? 9  DC  A C4     1 
ATOM   265 N  N4     . DC  A 1 9  ? -3.833  -5.361  5.892   1.00 0.59 ? 9  DC  A N4     1 
ATOM   266 C  C5     . DC  A 1 9  ? -2.757  -7.360  6.640   1.00 0.48 ? 9  DC  A C5     1 
ATOM   267 C  C6     . DC  A 1 9  ? -1.790  -7.887  7.400   1.00 0.45 ? 9  DC  A C6     1 
ATOM   268 H  "H5'"  . DC  A 1 9  ? 1.499   -10.289 6.698   1.00 0.68 ? 9  DC  A "H5'"  1 
ATOM   269 H  "H5''" . DC  A 1 9  ? 2.357   -11.312 7.868   1.00 0.76 ? 9  DC  A "H5''" 1 
ATOM   270 H  "H4'"  . DC  A 1 9  ? 2.719   -9.332  8.859   1.00 0.69 ? 9  DC  A "H4'"  1 
ATOM   271 H  "H3'"  . DC  A 1 9  ? 0.704   -10.669 10.187  1.00 0.61 ? 9  DC  A "H3'"  1 
ATOM   272 H  "H2'"  . DC  A 1 9  ? -1.124  -9.321  9.557   1.00 0.49 ? 9  DC  A "H2'"  1 
ATOM   273 H  "H2''" . DC  A 1 9  ? -0.537  -8.321  10.874  1.00 0.49 ? 9  DC  A "H2''" 1 
ATOM   274 H  "H1'"  . DC  A 1 9  ? 0.680   -6.863  9.423   1.00 0.47 ? 9  DC  A "H1'"  1 
ATOM   275 H  H41    . DC  A 1 9  ? -3.922  -4.356  5.889   1.00 0.63 ? 9  DC  A H41    1 
ATOM   276 H  H42    . DC  A 1 9  ? -4.468  -5.922  5.349   1.00 0.62 ? 9  DC  A H42    1 
ATOM   277 H  H5     . DC  A 1 9  ? -3.420  -7.993  6.048   1.00 0.52 ? 9  DC  A H5     1 
ATOM   278 H  H6     . DC  A 1 9  ? -1.684  -8.968  7.450   1.00 0.47 ? 9  DC  A H6     1 
ATOM   279 P  P      . DT  A 1 10 ? 1.380   -9.349  12.596  1.00 0.67 ? 10 DT  A P      1 
ATOM   280 O  OP1    . DT  A 1 10 ? 2.583   -9.737  13.376  1.00 0.80 ? 10 DT  A OP1    1 
ATOM   281 O  OP2    . DT  A 1 10 ? 0.165   -10.204 12.649  1.00 0.67 ? 10 DT  A OP2    1 
ATOM   282 O  "O5'"  . DT  A 1 10 ? 0.967   -7.872  13.024  1.00 0.61 ? 10 DT  A "O5'"  1 
ATOM   283 C  "C5'"  . DT  A 1 10 ? 1.496   -6.738  12.335  1.00 0.56 ? 10 DT  A "C5'"  1 
ATOM   284 C  "C4'"  . DT  A 1 10 ? 0.667   -5.511  12.629  1.00 0.51 ? 10 DT  A "C4'"  1 
ATOM   285 O  "O4'"  . DT  A 1 10 ? -0.292  -5.318  11.567  1.00 0.45 ? 10 DT  A "O4'"  1 
ATOM   286 C  "C3'"  . DT  A 1 10 ? -0.156  -5.576  13.920  1.00 0.57 ? 10 DT  A "C3'"  1 
ATOM   287 O  "O3'"  . DT  A 1 10 ? 0.420   -4.707  14.907  1.00 0.62 ? 10 DT  A "O3'"  1 
ATOM   288 C  "C2'"  . DT  A 1 10 ? -1.542  -5.090  13.509  1.00 0.54 ? 10 DT  A "C2'"  1 
ATOM   289 C  "C1'"  . DT  A 1 10 ? -1.349  -4.563  12.104  1.00 0.47 ? 10 DT  A "C1'"  1 
ATOM   290 N  N1     . DT  A 1 10 ? -2.528  -4.723  11.240  1.00 0.47 ? 10 DT  A N1     1 
ATOM   291 C  C2     . DT  A 1 10 ? -3.098  -3.591  10.710  1.00 0.51 ? 10 DT  A C2     1 
ATOM   292 O  O2     . DT  A 1 10 ? -2.650  -2.473  10.896  1.00 0.52 ? 10 DT  A O2     1 
ATOM   293 N  N3     . DT  A 1 10 ? -4.215  -3.814  9.954   1.00 0.56 ? 10 DT  A N3     1 
ATOM   294 C  C4     . DT  A 1 10 ? -4.806  -5.028  9.681   1.00 0.57 ? 10 DT  A C4     1 
ATOM   295 O  O4     . DT  A 1 10 ? -5.815  -5.070  8.983   1.00 0.65 ? 10 DT  A O4     1 
ATOM   296 C  C5     . DT  A 1 10 ? -4.155  -6.180  10.266  1.00 0.52 ? 10 DT  A C5     1 
ATOM   297 C  C7     . DT  A 1 10 ? -4.817  -7.516  10.141  1.00 0.56 ? 10 DT  A C7     1 
ATOM   298 C  C6     . DT  A 1 10 ? -3.045  -5.976  10.997  1.00 0.48 ? 10 DT  A C6     1 
ATOM   299 H  "H5'"  . DT  A 1 10 ? 1.486   -6.925  11.262  1.00 0.54 ? 10 DT  A "H5'"  1 
ATOM   300 H  "H5''" . DT  A 1 10 ? 2.522   -6.561  12.657  1.00 0.63 ? 10 DT  A "H5''" 1 
ATOM   301 H  "H4'"  . DT  A 1 10 ? 1.353   -4.672  12.742  1.00 0.53 ? 10 DT  A "H4'"  1 
ATOM   302 H  "H3'"  . DT  A 1 10 ? -0.180  -6.593  14.314  1.00 0.63 ? 10 DT  A "H3'"  1 
ATOM   303 H  "H2'"  . DT  A 1 10 ? -2.282  -5.891  13.552  1.00 0.58 ? 10 DT  A "H2'"  1 
ATOM   304 H  "H2''" . DT  A 1 10 ? -1.891  -4.287  14.151  1.00 0.59 ? 10 DT  A "H2''" 1 
ATOM   305 H  "H1'"  . DT  A 1 10 ? -1.053  -3.512  12.111  1.00 0.47 ? 10 DT  A "H1'"  1 
ATOM   306 H  H3     . DT  A 1 10 ? -4.651  -2.998  9.551   1.00 0.62 ? 10 DT  A H3     1 
ATOM   307 H  H71    . DT  A 1 10 ? -4.444  -8.185  10.917  1.00 1.12 ? 10 DT  A H71    1 
ATOM   308 H  H72    . DT  A 1 10 ? -5.896  -7.399  10.254  1.00 1.13 ? 10 DT  A H72    1 
ATOM   309 H  H73    . DT  A 1 10 ? -4.602  -7.940  9.162   1.00 1.20 ? 10 DT  A H73    1 
ATOM   310 H  H6     . DT  A 1 10 ? -2.518  -6.839  11.408  1.00 0.48 ? 10 DT  A H6     1 
ATOM   311 P  P      . DC  A 1 11 ? -0.439  -4.276  16.198  1.00 0.72 ? 11 DC  A P      1 
ATOM   312 O  OP1    . DC  A 1 11 ? 0.502   -3.687  17.184  1.00 0.79 ? 11 DC  A OP1    1 
ATOM   313 O  OP2    . DC  A 1 11 ? -1.296  -5.422  16.597  1.00 0.79 ? 11 DC  A OP2    1 
ATOM   314 O  "O5'"  . DC  A 1 11 ? -1.384  -3.111  15.661  1.00 0.70 ? 11 DC  A "O5'"  1 
ATOM   315 C  "C5'"  . DC  A 1 11 ? -0.838  -1.960  15.009  1.00 0.66 ? 11 DC  A "C5'"  1 
ATOM   316 C  "C4'"  . DC  A 1 11 ? -1.828  -0.819  15.044  1.00 0.72 ? 11 DC  A "C4'"  1 
ATOM   317 O  "O4'"  . DC  A 1 11 ? -2.817  -1.034  14.008  1.00 0.70 ? 11 DC  A "O4'"  1 
ATOM   318 C  "C3'"  . DC  A 1 11 ? -2.599  -0.677  16.358  1.00 0.83 ? 11 DC  A "C3'"  1 
ATOM   319 O  "O3'"  . DC  A 1 11 ? -2.721  0.703   16.720  1.00 0.90 ? 11 DC  A "O3'"  1 
ATOM   320 C  "C2'"  . DC  A 1 11 ? -3.970  -1.257  16.047  1.00 0.86 ? 11 DC  A "C2'"  1 
ATOM   321 C  "C1'"  . DC  A 1 11 ? -4.123  -1.034  14.555  1.00 0.79 ? 11 DC  A "C1'"  1 
ATOM   322 N  N1     . DC  A 1 11 ? -4.895  -2.080  13.871  1.00 0.78 ? 11 DC  A N1     1 
ATOM   323 C  C2     . DC  A 1 11 ? -5.888  -1.715  12.957  1.00 0.83 ? 11 DC  A C2     1 
ATOM   324 O  O2     . DC  A 1 11 ? -6.097  -0.512  12.745  1.00 0.88 ? 11 DC  A O2     1 
ATOM   325 N  N3     . DC  A 1 11 ? -6.591  -2.684  12.327  1.00 0.85 ? 11 DC  A N3     1 
ATOM   326 C  C4     . DC  A 1 11 ? -6.332  -3.968  12.582  1.00 0.81 ? 11 DC  A C4     1 
ATOM   327 N  N4     . DC  A 1 11 ? -7.046  -4.887  11.933  1.00 0.84 ? 11 DC  A N4     1 
ATOM   328 C  C5     . DC  A 1 11 ? -5.326  -4.364  13.511  1.00 0.77 ? 11 DC  A C5     1 
ATOM   329 C  C6     . DC  A 1 11 ? -4.644  -3.394  14.128  1.00 0.76 ? 11 DC  A C6     1 
ATOM   330 H  "H5'"  . DC  A 1 11 ? -0.609  -2.201  13.971  1.00 0.60 ? 11 DC  A "H5'"  1 
ATOM   331 H  "H5''" . DC  A 1 11 ? 0.078   -1.651  15.514  1.00 0.70 ? 11 DC  A "H5''" 1 
ATOM   332 H  "H4'"  . DC  A 1 11 ? -1.265  0.106   14.912  1.00 0.73 ? 11 DC  A "H4'"  1 
ATOM   333 H  "H3'"  . DC  A 1 11 ? -2.095  -1.215  17.163  1.00 0.85 ? 11 DC  A "H3'"  1 
ATOM   334 H  "H2'"  . DC  A 1 11 ? -4.037  -2.312  16.317  1.00 0.87 ? 11 DC  A "H2'"  1 
ATOM   335 H  "H2''" . DC  A 1 11 ? -4.756  -0.726  16.582  1.00 0.95 ? 11 DC  A "H2''" 1 
ATOM   336 H  "H1'"  . DC  A 1 11 ? -4.579  -0.072  14.346  1.00 0.84 ? 11 DC  A "H1'"  1 
ATOM   337 H  H41    . DC  A 1 11 ? -7.760  -4.602  11.278  1.00 0.89 ? 11 DC  A H41    1 
ATOM   338 H  H42    . DC  A 1 11 ? -6.880  -5.869  12.097  1.00 0.83 ? 11 DC  A H42    1 
ATOM   339 H  H5     . DC  A 1 11 ? -5.124  -5.414  13.715  1.00 0.77 ? 11 DC  A H5     1 
ATOM   340 H  H6     . DC  A 1 11 ? -3.877  -3.655  14.856  1.00 0.75 ? 11 DC  A H6     1 
ATOM   341 P  P      . DC  A 1 12 ? -2.652  1.134   18.269  1.00 1.04 ? 12 DC  A P      1 
ATOM   342 O  OP1    . DC  A 1 12 ? -1.868  2.393   18.356  1.00 1.12 ? 12 DC  A OP1    1 
ATOM   343 O  OP2    . DC  A 1 12 ? -2.227  -0.048  19.060  1.00 1.13 ? 12 DC  A OP2    1 
ATOM   344 O  "O5'"  . DC  A 1 12 ? -4.164  1.461   18.653  1.00 1.14 ? 12 DC  A "O5'"  1 
ATOM   345 C  "C5'"  . DC  A 1 12 ? -4.728  2.748   18.393  1.00 1.20 ? 12 DC  A "C5'"  1 
ATOM   346 C  "C4'"  . DC  A 1 12 ? -6.233  2.697   18.533  1.00 1.32 ? 12 DC  A "C4'"  1 
ATOM   347 O  "O4'"  . DC  A 1 12 ? -6.782  2.059   17.363  1.00 1.26 ? 12 DC  A "O4'"  1 
ATOM   348 C  "C3'"  . DC  A 1 12 ? -6.781  1.892   19.710  1.00 1.45 ? 12 DC  A "C3'"  1 
ATOM   349 O  "O3'"  . DC  A 1 12 ? -6.915  2.720   20.869  1.00 1.59 ? 12 DC  A "O3'"  1 
ATOM   350 C  "C2'"  . DC  A 1 12 ? -8.151  1.456   19.214  1.00 1.52 ? 12 DC  A "C2'"  1 
ATOM   351 C  "C1'"  . DC  A 1 12 ? -8.010  1.423   17.689  1.00 1.38 ? 12 DC  A "C1'"  1 
ATOM   352 N  N1     . DC  A 1 12 ? -7.988  0.078   17.089  1.00 1.29 ? 12 DC  A N1     1 
ATOM   353 C  C2     . DC  A 1 12 ? -8.967  -0.256  16.153  1.00 1.30 ? 12 DC  A C2     1 
ATOM   354 O  O2     . DC  A 1 12 ? -9.833  0.584   15.869  1.00 1.40 ? 12 DC  A O2     1 
ATOM   355 N  N3     . DC  A 1 12 ? -8.949  -1.482  15.583  1.00 1.24 ? 12 DC  A N3     1 
ATOM   356 C  C4     . DC  A 1 12 ? -8.003  -2.360  15.924  1.00 1.15 ? 12 DC  A C4     1 
ATOM   357 N  N4     . DC  A 1 12 ? -8.022  -3.558  15.338  1.00 1.11 ? 12 DC  A N4     1 
ATOM   358 C  C5     . DC  A 1 12 ? -6.995  -2.048  16.881  1.00 1.14 ? 12 DC  A C5     1 
ATOM   359 C  C6     . DC  A 1 12 ? -7.025  -0.828  17.431  1.00 1.20 ? 12 DC  A C6     1 
ATOM   360 H  "H5'"  . DC  A 1 12 ? -4.476  3.059   17.378  1.00 1.14 ? 12 DC  A "H5'"  1 
ATOM   361 H  "H5''" . DC  A 1 12 ? -4.324  3.478   19.097  1.00 1.26 ? 12 DC  A "H5''" 1 
ATOM   362 H  "H4'"  . DC  A 1 12 ? -6.586  3.721   18.664  1.00 1.40 ? 12 DC  A "H4'"  1 
ATOM   363 H  "H3'"  . DC  A 1 12 ? -6.139  1.041   19.949  1.00 1.40 ? 12 DC  A "H3'"  1 
ATOM   364 H  "HO3'" . DC  A 1 12 ? -6.030  2.903   21.193  1.00 1.55 ? 12 DC  A "HO3'" 1 
ATOM   365 H  "H2'"  . DC  A 1 12 ? -8.438  0.487   19.624  1.00 1.57 ? 12 DC  A "H2'"  1 
ATOM   366 H  "H2''" . DC  A 1 12 ? -8.921  2.173   19.503  1.00 1.64 ? 12 DC  A "H2''" 1 
ATOM   367 H  "H1'"  . DC  A 1 12 ? -8.808  1.991   17.217  1.00 1.45 ? 12 DC  A "H1'"  1 
ATOM   368 H  H41    . DC  A 1 12 ? -8.738  -3.776  14.661  1.00 1.14 ? 12 DC  A H41    1 
ATOM   369 H  H42    . DC  A 1 12 ? -7.322  -4.247  15.571  1.00 1.07 ? 12 DC  A H42    1 
ATOM   370 H  H5     . DC  A 1 12 ? -6.230  -2.775  17.155  1.00 1.09 ? 12 DC  A H5     1 
ATOM   371 H  H6     . DC  A 1 12 ? -6.265  -0.553  18.158  1.00 1.21 ? 12 DC  A H6     1 
ATOM   372 O  "O5'"  . DG  B 2 1  ? -16.828 -5.191  9.365   1.00 1.97 ? 13 DG  B "O5'"  1 
ATOM   373 C  "C5'"  . DG  B 2 1  ? -17.691 -4.074  9.590   1.00 2.02 ? 13 DG  B "C5'"  1 
ATOM   374 C  "C4'"  . DG  B 2 1  ? -16.901 -2.789  9.686   1.00 1.90 ? 13 DG  B "C4'"  1 
ATOM   375 O  "O4'"  . DG  B 2 1  ? -16.043 -2.855  10.844  1.00 1.82 ? 13 DG  B "O4'"  1 
ATOM   376 C  "C3'"  . DG  B 2 1  ? -15.968 -2.505  8.512   1.00 1.75 ? 13 DG  B "C3'"  1 
ATOM   377 O  "O3'"  . DG  B 2 1  ? -16.638 -1.699  7.536   1.00 1.84 ? 13 DG  B "O3'"  1 
ATOM   378 C  "C2'"  . DG  B 2 1  ? -14.822 -1.732  9.145   1.00 1.63 ? 13 DG  B "C2'"  1 
ATOM   379 C  "C1'"  . DG  B 2 1  ? -14.878 -2.074  10.630  1.00 1.67 ? 13 DG  B "C1'"  1 
ATOM   380 N  N9     . DG  B 2 1  ? -13.736 -2.838  11.121  1.00 1.54 ? 13 DG  B N9     1 
ATOM   381 C  C8     . DG  B 2 1  ? -13.386 -4.122  10.784  1.00 1.48 ? 13 DG  B C8     1 
ATOM   382 N  N7     . DG  B 2 1  ? -12.314 -4.542  11.400  1.00 1.38 ? 13 DG  B N7     1 
ATOM   383 C  C5     . DG  B 2 1  ? -11.934 -3.467  12.192  1.00 1.36 ? 13 DG  B C5     1 
ATOM   384 C  C6     . DG  B 2 1  ? -10.844 -3.324  13.093  1.00 1.28 ? 13 DG  B C6     1 
ATOM   385 O  O6     . DG  B 2 1  ? -9.961  -4.144  13.372  1.00 1.20 ? 13 DG  B O6     1 
ATOM   386 N  N1     . DG  B 2 1  ? -10.838 -2.069  13.693  1.00 1.32 ? 13 DG  B N1     1 
ATOM   387 C  C2     . DG  B 2 1  ? -11.754 -1.076  13.454  1.00 1.42 ? 13 DG  B C2     1 
ATOM   388 N  N2     . DG  B 2 1  ? -11.578 0.066   14.122  1.00 1.47 ? 13 DG  B N2     1 
ATOM   389 N  N3     . DG  B 2 1  ? -12.769 -1.194  12.617  1.00 1.50 ? 13 DG  B N3     1 
ATOM   390 C  C4     . DG  B 2 1  ? -12.800 -2.407  12.028  1.00 1.46 ? 13 DG  B C4     1 
ATOM   391 H  "H5'"  . DG  B 2 1  ? -18.241 -4.223  10.519  1.00 2.14 ? 13 DG  B "H5'"  1 
ATOM   392 H  "H5''" . DG  B 2 1  ? -18.403 -3.991  8.768   1.00 2.11 ? 13 DG  B "H5''" 1 
ATOM   393 H  "H4'"  . DG  B 2 1  ? -17.615 -1.966  9.727   1.00 2.02 ? 13 DG  B "H4'"  1 
ATOM   394 H  "H3'"  . DG  B 2 1  ? -15.628 -3.429  8.045   1.00 1.74 ? 13 DG  B "H3'"  1 
ATOM   395 H  "H2'"  . DG  B 2 1  ? -13.869 -2.000  8.696   1.00 1.53 ? 13 DG  B "H2'"  1 
ATOM   396 H  "H2''" . DG  B 2 1  ? -14.952 -0.657  9.018   1.00 1.65 ? 13 DG  B "H2''" 1 
ATOM   397 H  "H1'"  . DG  B 2 1  ? -14.965 -1.169  11.232  1.00 1.72 ? 13 DG  B "H1'"  1 
ATOM   398 H  H8     . DG  B 2 1  ? -13.945 -4.727  10.085  1.00 1.53 ? 13 DG  B H8     1 
ATOM   399 H  H1     . DG  B 2 1  ? -10.104 -1.871  14.359  1.00 1.28 ? 13 DG  B H1     1 
ATOM   400 H  H21    . DG  B 2 1  ? -10.809 0.173   14.773  1.00 1.42 ? 13 DG  B H21    1 
ATOM   401 H  H22    . DG  B 2 1  ? -12.226 0.827   13.978  1.00 1.56 ? 13 DG  B H22    1 
ATOM   402 H  "HO5'" . DG  B 2 1  ? -16.020 -5.022  9.856   1.00 2.15 ? 13 DG  B "HO5'" 1 
ATOM   403 P  P      . DG  B 2 2  ? -16.017 -1.545  6.059   1.00 1.86 ? 14 DG  B P      1 
ATOM   404 O  OP1    . DG  B 2 2  ? -17.100 -1.098  5.147   1.00 2.11 ? 14 DG  B OP1    1 
ATOM   405 O  OP2    . DG  B 2 2  ? -15.264 -2.787  5.750   1.00 1.83 ? 14 DG  B OP2    1 
ATOM   406 O  "O5'"  . DG  B 2 2  ? -14.965 -0.355  6.199   1.00 1.76 ? 14 DG  B "O5'"  1 
ATOM   407 C  "C5'"  . DG  B 2 2  ? -15.274 0.822   6.949   1.00 1.81 ? 14 DG  B "C5'"  1 
ATOM   408 C  "C4'"  . DG  B 2 2  ? -14.006 1.569   7.296   1.00 1.69 ? 14 DG  B "C4'"  1 
ATOM   409 O  "O4'"  . DG  B 2 2  ? -13.216 0.760   8.209   1.00 1.57 ? 14 DG  B "O4'"  1 
ATOM   410 C  "C3'"  . DG  B 2 2  ? -13.063 1.872   6.128   1.00 1.64 ? 14 DG  B "C3'"  1 
ATOM   411 O  "O3'"  . DG  B 2 2  ? -12.352 3.090   6.393   1.00 1.61 ? 14 DG  B "O3'"  1 
ATOM   412 C  "C2'"  . DG  B 2 2  ? -12.145 0.671   6.143   1.00 1.51 ? 14 DG  B "C2'"  1 
ATOM   413 C  "C1'"  . DG  B 2 2  ? -11.936 0.539   7.633   1.00 1.44 ? 14 DG  B "C1'"  1 
ATOM   414 N  N9     . DG  B 2 2  ? -11.460 -0.775  8.041   1.00 1.34 ? 14 DG  B N9     1 
ATOM   415 C  C8     . DG  B 2 2  ? -11.931 -1.983  7.604   1.00 1.36 ? 14 DG  B C8     1 
ATOM   416 N  N7     . DG  B 2 2  ? -11.309 -3.002  8.132   1.00 1.26 ? 14 DG  B N7     1 
ATOM   417 C  C5     . DG  B 2 2  ? -10.364 -2.424  8.970   1.00 1.17 ? 14 DG  B C5     1 
ATOM   418 C  C6     . DG  B 2 2  ? -9.388  -3.021  9.811   1.00 1.06 ? 14 DG  B C6     1 
ATOM   419 O  O6     . DG  B 2 2  ? -9.157  -4.222  9.992   1.00 1.02 ? 14 DG  B O6     1 
ATOM   420 N  N1     . DG  B 2 2  ? -8.635  -2.062  10.479  1.00 1.02 ? 14 DG  B N1     1 
ATOM   421 C  C2     . DG  B 2 2  ? -8.803  -0.705  10.361  1.00 1.07 ? 14 DG  B C2     1 
ATOM   422 N  N2     . DG  B 2 2  ? -7.984  0.061   11.087  1.00 1.03 ? 14 DG  B N2     1 
ATOM   423 N  N3     . DG  B 2 2  ? -9.707  -0.137  9.586   1.00 1.18 ? 14 DG  B N3     1 
ATOM   424 C  C4     . DG  B 2 2  ? -10.447 -1.049  8.924   1.00 1.22 ? 14 DG  B C4     1 
ATOM   425 H  "H5'"  . DG  B 2 2  ? -15.787 0.544   7.869   1.00 1.83 ? 14 DG  B "H5'"  1 
ATOM   426 H  "H5''" . DG  B 2 2  ? -15.928 1.471   6.364   1.00 1.93 ? 14 DG  B "H5''" 1 
ATOM   427 H  "H4'"  . DG  B 2 2  ? -14.296 2.531   7.723   1.00 1.75 ? 14 DG  B "H4'"  1 
ATOM   428 H  "H3'"  . DG  B 2 2  ? -13.597 1.960   5.186   1.00 1.74 ? 14 DG  B "H3'"  1 
ATOM   429 H  "H2'"  . DG  B 2 2  ? -12.640 -0.201  5.718   1.00 1.54 ? 14 DG  B "H2'"  1 
ATOM   430 H  "H2''" . DG  B 2 2  ? -11.249 0.843   5.559   1.00 1.46 ? 14 DG  B "H2''" 1 
ATOM   431 H  "H1'"  . DG  B 2 2  ? -11.253 1.300   8.011   1.00 1.40 ? 14 DG  B "H1'"  1 
ATOM   432 H  H8     . DG  B 2 2  ? -12.733 -2.074  6.887   1.00 1.45 ? 14 DG  B H8     1 
ATOM   433 H  H1     . DG  B 2 2  ? -7.909  -2.398  11.093  1.00 0.94 ? 14 DG  B H1     1 
ATOM   434 H  H21    . DG  B 2 2  ? -7.279  -0.352  11.684  1.00 0.96 ? 14 DG  B H21    1 
ATOM   435 H  H22    . DG  B 2 2  ? -8.065  1.066   11.034  1.00 1.08 ? 14 DG  B H22    1 
ATOM   436 P  P      . DA  B 2 3  ? -11.265 3.638   5.342   1.00 1.59 ? 15 DA  B P      1 
ATOM   437 O  OP1    . DA  B 2 3  ? -11.677 5.016   4.972   1.00 1.72 ? 15 DA  B OP1    1 
ATOM   438 O  OP2    . DA  B 2 3  ? -11.055 2.627   4.274   1.00 1.58 ? 15 DA  B OP2    1 
ATOM   439 O  "O5'"  . DA  B 2 3  ? -9.927  3.745   6.201   1.00 1.45 ? 15 DA  B "O5'"  1 
ATOM   440 C  "C5'"  . DA  B 2 3  ? -9.952  4.223   7.549   1.00 1.43 ? 15 DA  B "C5'"  1 
ATOM   441 C  "C4'"  . DA  B 2 3  ? -8.600  4.789   7.931   1.00 1.35 ? 15 DA  B "C4'"  1 
ATOM   442 O  "O4'"  . DA  B 2 3  ? -7.826  3.756   8.581   1.00 1.22 ? 15 DA  B "O4'"  1 
ATOM   443 C  "C3'"  . DA  B 2 3  ? -7.724  5.248   6.770   1.00 1.35 ? 15 DA  B "C3'"  1 
ATOM   444 O  "O3'"  . DA  B 2 3  ? -6.762  6.208   7.228   1.00 1.33 ? 15 DA  B "O3'"  1 
ATOM   445 C  "C2'"  . DA  B 2 3  ? -7.044  3.957   6.350   1.00 1.26 ? 15 DA  B "C2'"  1 
ATOM   446 C  "C1'"  . DA  B 2 3  ? -6.865  3.220   7.674   1.00 1.16 ? 15 DA  B "C1'"  1 
ATOM   447 N  N9     . DA  B 2 3  ? -7.097  1.780   7.588   1.00 1.09 ? 15 DA  B N9     1 
ATOM   448 C  C8     . DA  B 2 3  ? -8.138  1.164   6.947   1.00 1.16 ? 15 DA  B C8     1 
ATOM   449 N  N7     . DA  B 2 3  ? -8.130  -0.143  7.058   1.00 1.09 ? 15 DA  B N7     1 
ATOM   450 C  C5     . DA  B 2 3  ? -6.995  -0.406  7.814   1.00 0.97 ? 15 DA  B C5     1 
ATOM   451 C  C6     . DA  B 2 3  ? -6.426  -1.603  8.286   1.00 0.85 ? 15 DA  B C6     1 
ATOM   452 N  N6     . DA  B 2 3  ? -6.956  -2.809  8.078   1.00 0.85 ? 15 DA  B N6     1 
ATOM   453 N  N1     . DA  B 2 3  ? -5.286  -1.518  9.000   1.00 0.75 ? 15 DA  B N1     1 
ATOM   454 C  C2     . DA  B 2 3  ? -4.762  -0.308  9.229   1.00 0.77 ? 15 DA  B C2     1 
ATOM   455 N  N3     . DA  B 2 3  ? -5.210  0.890   8.854   1.00 0.87 ? 15 DA  B N3     1 
ATOM   456 C  C4     . DA  B 2 3  ? -6.343  0.770   8.140   1.00 0.97 ? 15 DA  B C4     1 
ATOM   457 H  "H5'"  . DA  B 2 3  ? -10.196 3.400   8.222   1.00 1.39 ? 15 DA  B "H5'"  1 
ATOM   458 H  "H5''" . DA  B 2 3  ? -10.713 5.000   7.649   1.00 1.52 ? 15 DA  B "H5''" 1 
ATOM   459 H  "H4'"  . DA  B 2 3  ? -8.765  5.663   8.565   1.00 1.38 ? 15 DA  B "H4'"  1 
ATOM   460 H  "H3'"  . DA  B 2 3  ? -8.320  5.687   5.966   1.00 1.45 ? 15 DA  B "H3'"  1 
ATOM   461 H  "H2'"  . DA  B 2 3  ? -7.653  3.392   5.644   1.00 1.30 ? 15 DA  B "H2'"  1 
ATOM   462 H  "H2''" . DA  B 2 3  ? -6.096  4.157   5.868   1.00 1.24 ? 15 DA  B "H2''" 1 
ATOM   463 H  "H1'"  . DA  B 2 3  ? -5.872  3.391   8.092   1.00 1.09 ? 15 DA  B "H1'"  1 
ATOM   464 H  H8     . DA  B 2 3  ? -8.887  1.708   6.389   1.00 1.26 ? 15 DA  B H8     1 
ATOM   465 H  H61    . DA  B 2 3  ? -6.495  -3.635  8.440   1.00 0.78 ? 15 DA  B H61    1 
ATOM   466 H  H62    . DA  B 2 3  ? -7.814  -2.900  7.558   1.00 0.93 ? 15 DA  B H62    1 
ATOM   467 H  H2     . DA  B 2 3  ? -3.828  -0.304  9.790   1.00 0.70 ? 15 DA  B H2     1 
ATOM   468 P  P      . DG  B 2 4  ? -5.537  6.634   6.276   1.00 1.34 ? 16 DG  B P      1 
ATOM   469 O  OP1    . DG  B 2 4  ? -5.181  8.040   6.595   1.00 1.41 ? 16 DG  B OP1    1 
ATOM   470 O  OP2    . DG  B 2 4  ? -5.889  6.269   4.881   1.00 1.41 ? 16 DG  B OP2    1 
ATOM   471 O  "O5'"  . DG  B 2 4  ? -4.334  5.701   6.750   1.00 1.18 ? 16 DG  B "O5'"  1 
ATOM   472 C  "C5'"  . DG  B 2 4  ? -3.675  5.934   7.996   1.00 1.04 ? 16 DG  B "C5'"  1 
ATOM   473 C  "C4'"  . DG  B 2 4  ? -2.522  4.974   8.174   1.00 0.97 ? 16 DG  B "C4'"  1 
ATOM   474 O  "O4'"  . DG  B 2 4  ? -3.011  3.617   8.042   1.00 0.93 ? 16 DG  B "O4'"  1 
ATOM   475 C  "C3'"  . DG  B 2 4  ? -1.380  5.116   7.157   1.00 0.98 ? 16 DG  B "C3'"  1 
ATOM   476 O  "O3'"  . DG  B 2 4  ? -0.137  5.271   7.856   1.00 0.96 ? 16 DG  B "O3'"  1 
ATOM   477 C  "C2'"  . DG  B 2 4  ? -1.412  3.806   6.377   1.00 0.94 ? 16 DG  B "C2'"  1 
ATOM   478 C  "C1'"  . DG  B 2 4  ? -2.028  2.856   7.378   1.00 0.90 ? 16 DG  B "C1'"  1 
ATOM   479 N  N9     . DG  B 2 4  ? -2.674  1.678   6.805   1.00 0.87 ? 16 DG  B N9     1 
ATOM   480 C  C8     . DG  B 2 4  ? -3.672  1.654   5.862   1.00 0.95 ? 16 DG  B C8     1 
ATOM   481 N  N7     . DG  B 2 4  ? -4.063  0.448   5.557   1.00 0.90 ? 16 DG  B N7     1 
ATOM   482 C  C5     . DG  B 2 4  ? -3.265  -0.377  6.337   1.00 0.78 ? 16 DG  B C5     1 
ATOM   483 C  C6     . DG  B 2 4  ? -3.222  -1.787  6.428   1.00 0.69 ? 16 DG  B C6     1 
ATOM   484 O  O6     . DG  B 2 4  ? -3.906  -2.617  5.822   1.00 0.70 ? 16 DG  B O6     1 
ATOM   485 N  N1     . DG  B 2 4  ? -2.259  -2.212  7.337   1.00 0.60 ? 16 DG  B N1     1 
ATOM   486 C  C2     . DG  B 2 4  ? -1.443  -1.384  8.064   1.00 0.59 ? 16 DG  B C2     1 
ATOM   487 N  N2     . DG  B 2 4  ? -0.578  -1.984  8.891   1.00 0.52 ? 16 DG  B N2     1 
ATOM   488 N  N3     . DG  B 2 4  ? -1.470  -0.065  7.988   1.00 0.67 ? 16 DG  B N3     1 
ATOM   489 C  C4     . DG  B 2 4  ? -2.399  0.368   7.110   1.00 0.76 ? 16 DG  B C4     1 
ATOM   490 H  "H5'"  . DG  B 2 4  ? -4.382  5.796   8.815   1.00 1.02 ? 16 DG  B "H5'"  1 
ATOM   491 H  "H5''" . DG  B 2 4  ? -3.294  6.955   8.023   1.00 1.02 ? 16 DG  B "H5''" 1 
ATOM   492 H  "H4'"  . DG  B 2 4  ? -2.084  5.173   9.154   1.00 0.95 ? 16 DG  B "H4'"  1 
ATOM   493 H  "H3'"  . DG  B 2 4  ? -1.535  5.985   6.514   1.00 1.04 ? 16 DG  B "H3'"  1 
ATOM   494 H  "H2'"  . DG  B 2 4  ? -2.008  3.887   5.466   1.00 0.96 ? 16 DG  B "H2'"  1 
ATOM   495 H  "H2''" . DG  B 2 4  ? -0.412  3.492   6.085   1.00 0.92 ? 16 DG  B "H2''" 1 
ATOM   496 H  "H1'"  . DG  B 2 4  ? -1.295  2.530   8.119   1.00 0.87 ? 16 DG  B "H1'"  1 
ATOM   497 H  H8     . DG  B 2 4  ? -4.077  2.540   5.404   1.00 1.04 ? 16 DG  B H8     1 
ATOM   498 H  H1     . DG  B 2 4  ? -2.162  -3.206  7.475   1.00 0.54 ? 16 DG  B H1     1 
ATOM   499 H  H21    . DG  B 2 4  ? -0.546  -2.993  8.954   1.00 0.47 ? 16 DG  B H21    1 
ATOM   500 H  H22    . DG  B 2 4  ? 0.047   -1.423  9.450   1.00 0.52 ? 16 DG  B H22    1 
ATOM   501 P  P      . DG  B 2 5  ? 1.259   5.097   7.072   1.00 0.97 ? 17 DG  B P      1 
ATOM   502 O  OP1    . DG  B 2 5  ? 2.282   5.924   7.762   1.00 1.01 ? 17 DG  B OP1    1 
ATOM   503 O  OP2    . DG  B 2 5  ? 1.004   5.308   5.623   1.00 1.00 ? 17 DG  B OP2    1 
ATOM   504 O  "O5'"  . DG  B 2 5  ? 1.631   3.563   7.293   1.00 0.91 ? 17 DG  B "O5'"  1 
ATOM   505 C  "C5'"  . DG  B 2 5  ? 1.516   2.959   8.583   1.00 0.87 ? 17 DG  B "C5'"  1 
ATOM   506 C  "C4'"  . DG  B 2 5  ? 2.587   1.910   8.772   1.00 0.79 ? 17 DG  B "C4'"  1 
ATOM   507 O  "O4'"  . DG  B 2 5  ? 2.033   0.614   8.447   1.00 0.70 ? 17 DG  B "O4'"  1 
ATOM   508 C  "C3'"  . DG  B 2 5  ? 3.827   2.083   7.894   1.00 0.81 ? 17 DG  B "C3'"  1 
ATOM   509 O  "O3'"  . DG  B 2 5  ? 5.011   1.763   8.632   1.00 0.81 ? 17 DG  B "O3'"  1 
ATOM   510 C  "C2'"  . DG  B 2 5  ? 3.629   1.089   6.761   1.00 0.73 ? 17 DG  B "C2'"  1 
ATOM   511 C  "C1'"  . DG  B 2 5  ? 2.670   0.042   7.316   1.00 0.66 ? 17 DG  B "C1'"  1 
ATOM   512 N  N9     . DG  B 2 5  ? 1.625   -0.374  6.385   1.00 0.65 ? 17 DG  B N9     1 
ATOM   513 C  C8     . DG  B 2 5  ? 0.812   0.442   5.636   1.00 0.69 ? 17 DG  B C8     1 
ATOM   514 N  N7     . DG  B 2 5  ? -0.034  -0.215  4.892   1.00 0.68 ? 17 DG  B N7     1 
ATOM   515 C  C5     . DG  B 2 5  ? 0.233   -1.550  5.166   1.00 0.62 ? 17 DG  B C5     1 
ATOM   516 C  C6     . DG  B 2 5  ? -0.365  -2.728  4.652   1.00 0.59 ? 17 DG  B C6     1 
ATOM   517 O  O6     . DG  B 2 5  ? -1.274  -2.830  3.822   1.00 0.61 ? 17 DG  B O6     1 
ATOM   518 N  N1     . DG  B 2 5  ? 0.204   -3.873  5.199   1.00 0.56 ? 17 DG  B N1     1 
ATOM   519 C  C2     . DG  B 2 5  ? 1.219   -3.883  6.125   1.00 0.55 ? 17 DG  B C2     1 
ATOM   520 N  N2     . DG  B 2 5  ? 1.617   -5.088  6.558   1.00 0.54 ? 17 DG  B N2     1 
ATOM   521 N  N3     . DG  B 2 5  ? 1.797   -2.792  6.600   1.00 0.57 ? 17 DG  B N3     1 
ATOM   522 C  C4     . DG  B 2 5  ? 1.256   -1.667  6.084   1.00 0.60 ? 17 DG  B C4     1 
ATOM   523 H  "H5'"  . DG  B 2 5  ? 0.538   2.489   8.682   1.00 0.85 ? 17 DG  B "H5'"  1 
ATOM   524 H  "H5''" . DG  B 2 5  ? 1.624   3.720   9.357   1.00 0.94 ? 17 DG  B "H5''" 1 
ATOM   525 H  "H4'"  . DG  B 2 5  ? 2.930   1.979   9.806   1.00 0.80 ? 17 DG  B "H4'"  1 
ATOM   526 H  "H3'"  . DG  B 2 5  ? 3.906   3.109   7.531   1.00 0.89 ? 17 DG  B "H3'"  1 
ATOM   527 H  "H2'"  . DG  B 2 5  ? 3.242   1.571   5.864   1.00 0.73 ? 17 DG  B "H2'"  1 
ATOM   528 H  "H2''" . DG  B 2 5  ? 4.570   0.613   6.495   1.00 0.71 ? 17 DG  B "H2''" 1 
ATOM   529 H  "H1'"  . DG  B 2 5  ? 3.209   -0.847  7.648   1.00 0.63 ? 17 DG  B "H1'"  1 
ATOM   530 H  H8     . DG  B 2 5  ? 0.866   1.518   5.663   1.00 0.74 ? 17 DG  B H8     1 
ATOM   531 H  H1     . DG  B 2 5  ? -0.164  -4.763  4.886   1.00 0.55 ? 17 DG  B H1     1 
ATOM   532 H  H21    . DG  B 2 5  ? 1.164   -5.942  6.256   1.00 0.54 ? 17 DG  B H21    1 
ATOM   533 H  H22    . DG  B 2 5  ? 2.358   -5.139  7.243   1.00 0.55 ? 17 DG  B H22    1 
ATOM   534 P  P      . DC  B 2 6  ? 6.432   2.343   8.152   1.00 0.88 ? 18 DC  B P      1 
ATOM   535 O  OP1    . DC  B 2 6  ? 7.319   2.361   9.343   1.00 0.99 ? 18 DC  B OP1    1 
ATOM   536 O  OP2    . DC  B 2 6  ? 6.203   3.597   7.389   1.00 0.97 ? 18 DC  B OP2    1 
ATOM   537 O  "O5'"  . DC  B 2 6  ? 6.981   1.238   7.145   1.00 0.77 ? 18 DC  B "O5'"  1 
ATOM   538 C  "C5'"  . DC  B 2 6  ? 7.478   -0.012  7.626   1.00 0.83 ? 18 DC  B "C5'"  1 
ATOM   539 C  "C4'"  . DC  B 2 6  ? 7.288   -1.087  6.582   1.00 0.76 ? 18 DC  B "C4'"  1 
ATOM   540 O  "O4'"  . DC  B 2 6  ? 5.949   -0.997  6.058   1.00 0.73 ? 18 DC  B "O4'"  1 
ATOM   541 C  "C3'"  . DC  B 2 6  ? 8.212   -0.984  5.366   1.00 0.76 ? 18 DC  B "C3'"  1 
ATOM   542 O  "O3'"  . DC  B 2 6  ? 9.271   -1.943  5.466   1.00 0.83 ? 18 DC  B "O3'"  1 
ATOM   543 C  "C2'"  . DC  B 2 6  ? 7.316   -1.313  4.179   1.00 0.70 ? 18 DC  B "C2'"  1 
ATOM   544 C  "C1'"  . DC  B 2 6  ? 5.943   -1.579  4.774   1.00 0.70 ? 18 DC  B "C1'"  1 
ATOM   545 N  N1     . DC  B 2 6  ? 4.832   -0.992  4.013   1.00 0.66 ? 18 DC  B N1     1 
ATOM   546 C  C2     . DC  B 2 6  ? 3.950   -1.843  3.354   1.00 0.62 ? 18 DC  B C2     1 
ATOM   547 O  O2     . DC  B 2 6  ? 4.126   -3.064  3.439   1.00 0.62 ? 18 DC  B O2     1 
ATOM   548 N  N3     . DC  B 2 6  ? 2.927   -1.320  2.642   1.00 0.60 ? 18 DC  B N3     1 
ATOM   549 C  C4     . DC  B 2 6  ? 2.770   0.003   2.580   1.00 0.61 ? 18 DC  B C4     1 
ATOM   550 N  N4     . DC  B 2 6  ? 1.748   0.475   1.865   1.00 0.60 ? 18 DC  B N4     1 
ATOM   551 C  C5     . DC  B 2 6  ? 3.655   0.900   3.248   1.00 0.65 ? 18 DC  B C5     1 
ATOM   552 C  C6     . DC  B 2 6  ? 4.665   0.361   3.945   1.00 0.67 ? 18 DC  B C6     1 
ATOM   553 H  "H5'"  . DC  B 2 6  ? 6.940   -0.295  8.530   1.00 0.94 ? 18 DC  B "H5'"  1 
ATOM   554 H  "H5''" . DC  B 2 6  ? 8.538   0.080   7.854   1.00 0.93 ? 18 DC  B "H5''" 1 
ATOM   555 H  "H4'"  . DC  B 2 6  ? 7.501   -2.047  7.056   1.00 0.76 ? 18 DC  B "H4'"  1 
ATOM   556 H  "H3'"  . DC  B 2 6  ? 8.642   0.014   5.286   1.00 0.89 ? 18 DC  B "H3'"  1 
ATOM   557 H  "H2'"  . DC  B 2 6  ? 7.301   -0.500  3.453   1.00 0.74 ? 18 DC  B "H2'"  1 
ATOM   558 H  "H2''" . DC  B 2 6  ? 7.657   -2.210  3.663   1.00 0.75 ? 18 DC  B "H2''" 1 
ATOM   559 H  "H1'"  . DC  B 2 6  ? 5.763   -2.649  4.887   1.00 0.71 ? 18 DC  B "H1'"  1 
ATOM   560 H  H41    . DC  B 2 6  ? 1.121   -0.166  1.401   1.00 0.57 ? 18 DC  B H41    1 
ATOM   561 H  H42    . DC  B 2 6  ? 1.596   1.471   1.794   1.00 0.61 ? 18 DC  B H42    1 
ATOM   562 H  H5     . DC  B 2 6  ? 3.516   1.979   3.194   1.00 0.67 ? 18 DC  B H5     1 
ATOM   563 H  H6     . DC  B 2 6  ? 5.367   1.014   4.463   1.00 0.71 ? 18 DC  B H6     1 
ATOM   564 P  P      . DC  B 2 7  ? 10.348  -2.069  4.277   1.00 0.94 ? 19 DC  B P      1 
ATOM   565 O  OP1    . DC  B 2 7  ? 11.423  -2.979  4.747   1.00 1.14 ? 19 DC  B OP1    1 
ATOM   566 O  OP2    . DC  B 2 7  ? 10.696  -0.701  3.815   1.00 1.01 ? 19 DC  B OP2    1 
ATOM   567 O  "O5'"  . DC  B 2 7  ? 9.549   -2.799  3.106   1.00 0.82 ? 19 DC  B "O5'"  1 
ATOM   568 C  "C5'"  . DC  B 2 7  ? 9.351   -4.214  3.117   1.00 0.93 ? 19 DC  B "C5'"  1 
ATOM   569 C  "C4'"  . DC  B 2 7  ? 9.022   -4.709  1.726   1.00 0.88 ? 19 DC  B "C4'"  1 
ATOM   570 O  "O4'"  . DC  B 2 7  ? 7.680   -4.295  1.375   1.00 0.80 ? 19 DC  B "O4'"  1 
ATOM   571 C  "C3'"  . DC  B 2 7  ? 9.939   -4.185  0.618   1.00 0.84 ? 19 DC  B "C3'"  1 
ATOM   572 O  "O3'"  . DC  B 2 7  ? 10.500  -5.297  -0.091  1.00 0.87 ? 19 DC  B "O3'"  1 
ATOM   573 C  "C2'"  . DC  B 2 7  ? 9.025   -3.365  -0.283  1.00 0.75 ? 19 DC  B "C2'"  1 
ATOM   574 C  "C1'"  . DC  B 2 7  ? 7.644   -3.905  0.017   1.00 0.74 ? 19 DC  B "C1'"  1 
ATOM   575 N  N1     . DC  B 2 7  ? 6.533   -2.950  -0.139  1.00 0.68 ? 19 DC  B N1     1 
ATOM   576 C  C2     . DC  B 2 7  ? 5.471   -3.290  -0.981  1.00 0.66 ? 19 DC  B C2     1 
ATOM   577 O  O2     . DC  B 2 7  ? 5.516   -4.360  -1.602  1.00 0.70 ? 19 DC  B O2     1 
ATOM   578 N  N3     . DC  B 2 7  ? 4.423   -2.444  -1.098  1.00 0.63 ? 19 DC  B N3     1 
ATOM   579 C  C4     . DC  B 2 7  ? 4.416   -1.295  -0.421  1.00 0.60 ? 19 DC  B C4     1 
ATOM   580 N  N4     . DC  B 2 7  ? 3.363   -0.492  -0.575  1.00 0.58 ? 19 DC  B N4     1 
ATOM   581 C  C5     . DC  B 2 7  ? 5.487   -0.919  0.440   1.00 0.62 ? 19 DC  B C5     1 
ATOM   582 C  C6     . DC  B 2 7  ? 6.521   -1.765  0.542   1.00 0.66 ? 19 DC  B C6     1 
ATOM   583 H  "H5'"  . DC  B 2 7  ? 8.531   -4.465  3.791   1.00 0.97 ? 19 DC  B "H5'"  1 
ATOM   584 H  "H5''" . DC  B 2 7  ? 10.260  -4.708  3.464   1.00 1.15 ? 19 DC  B "H5''" 1 
ATOM   585 H  "H4'"  . DC  B 2 7  ? 9.143   -5.790  1.728   1.00 0.93 ? 19 DC  B "H4'"  1 
ATOM   586 H  "H3'"  . DC  B 2 7  ? 10.748  -3.584  1.030   1.00 0.86 ? 19 DC  B "H3'"  1 
ATOM   587 H  "H2'"  . DC  B 2 7  ? 9.108   -2.299  -0.073  1.00 0.72 ? 19 DC  B "H2'"  1 
ATOM   588 H  "H2''" . DC  B 2 7  ? 9.267   -3.517  -1.331  1.00 0.73 ? 19 DC  B "H2''" 1 
ATOM   589 H  "H1'"  . DC  B 2 7  ? 7.430   -4.790  -0.588  1.00 0.76 ? 19 DC  B "H1'"  1 
ATOM   590 H  H41    . DC  B 2 7  ? 2.608   -0.769  -1.185  1.00 0.58 ? 19 DC  B H41    1 
ATOM   591 H  H42    . DC  B 2 7  ? 3.317   0.388   -0.086  1.00 0.58 ? 19 DC  B H42    1 
ATOM   592 H  H5     . DC  B 2 7  ? 5.463   0.017   0.999   1.00 0.61 ? 19 DC  B H5     1 
ATOM   593 H  H6     . DC  B 2 7  ? 7.368   -1.498  1.174   1.00 0.68 ? 19 DC  B H6     1 
ATOM   594 P  P      . DT  B 2 8  ? 11.435  -5.042  -1.373  1.00 0.88 ? 20 DT  B P      1 
ATOM   595 O  OP1    . DT  B 2 8  ? 12.167  -6.306  -1.646  1.00 0.96 ? 20 DT  B OP1    1 
ATOM   596 O  OP2    . DT  B 2 8  ? 12.197  -3.785  -1.159  1.00 0.88 ? 20 DT  B OP2    1 
ATOM   597 O  "O5'"  . DT  B 2 8  ? 10.397  -4.802  -2.558  1.00 0.81 ? 20 DT  B "O5'"  1 
ATOM   598 C  "C5'"  . DT  B 2 8  ? 9.511   -5.838  -2.989  1.00 0.81 ? 20 DT  B "C5'"  1 
ATOM   599 C  "C4'"  . DT  B 2 8  ? 8.984   -5.525  -4.373  1.00 0.75 ? 20 DT  B "C4'"  1 
ATOM   600 O  "O4'"  . DT  B 2 8  ? 7.810   -4.677  -4.263  1.00 0.72 ? 20 DT  B "O4'"  1 
ATOM   601 C  "C3'"  . DT  B 2 8  ? 9.950   -4.763  -5.292  1.00 0.71 ? 20 DT  B "C3'"  1 
ATOM   602 O  "O3'"  . DT  B 2 8  ? 9.845   -5.269  -6.629  1.00 0.69 ? 20 DT  B "O3'"  1 
ATOM   603 C  "C2'"  . DT  B 2 8  ? 9.438   -3.338  -5.212  1.00 0.65 ? 20 DT  B "C2'"  1 
ATOM   604 C  "C1'"  . DT  B 2 8  ? 7.950   -3.610  -5.183  1.00 0.63 ? 20 DT  B "C1'"  1 
ATOM   605 N  N1     . DT  B 2 8  ? 7.066   -2.502  -4.748  1.00 0.60 ? 20 DT  B N1     1 
ATOM   606 C  C2     . DT  B 2 8  ? 5.772   -2.514  -5.222  1.00 0.58 ? 20 DT  B C2     1 
ATOM   607 O  O2     . DT  B 2 8  ? 5.348   -3.381  -5.965  1.00 0.59 ? 20 DT  B O2     1 
ATOM   608 N  N3     . DT  B 2 8  ? 4.990   -1.474  -4.789  1.00 0.56 ? 20 DT  B N3     1 
ATOM   609 C  C4     . DT  B 2 8  ? 5.359   -0.451  -3.948  1.00 0.56 ? 20 DT  B C4     1 
ATOM   610 O  O4     . DT  B 2 8  ? 4.534   0.399   -3.624  1.00 0.55 ? 20 DT  B O4     1 
ATOM   611 C  C5     . DT  B 2 8  ? 6.731   -0.491  -3.490  1.00 0.57 ? 20 DT  B C5     1 
ATOM   612 C  C7     . DT  B 2 8  ? 7.241   0.621   -2.629  1.00 0.58 ? 20 DT  B C7     1 
ATOM   613 C  C6     . DT  B 2 8  ? 7.512   -1.501  -3.905  1.00 0.60 ? 20 DT  B C6     1 
ATOM   614 H  "H5'"  . DT  B 2 8  ? 8.670   -5.919  -2.297  1.00 0.82 ? 20 DT  B "H5'"  1 
ATOM   615 H  "H5''" . DT  B 2 8  ? 10.041  -6.794  -3.012  1.00 0.85 ? 20 DT  B "H5''" 1 
ATOM   616 H  "H4'"  . DT  B 2 8  ? 8.777   -6.474  -4.863  1.00 0.75 ? 20 DT  B "H4'"  1 
ATOM   617 H  "H3'"  . DT  B 2 8  ? 10.982  -4.843  -4.952  1.00 0.76 ? 20 DT  B "H3'"  1 
ATOM   618 H  "H2'"  . DT  B 2 8  ? 9.789   -2.854  -4.302  1.00 0.69 ? 20 DT  B "H2'"  1 
ATOM   619 H  "H2''" . DT  B 2 8  ? 9.794   -2.745  -6.048  1.00 0.60 ? 20 DT  B "H2''" 1 
ATOM   620 H  "H1'"  . DT  B 2 8  ? 7.605   -3.968  -6.157  1.00 0.60 ? 20 DT  B "H1'"  1 
ATOM   621 H  H3     . DT  B 2 8  ? 4.042   -1.431  -5.144  1.00 0.56 ? 20 DT  B H3     1 
ATOM   622 H  H71    . DT  B 2 8  ? 6.400   1.211   -2.261  1.00 1.07 ? 20 DT  B H71    1 
ATOM   623 H  H72    . DT  B 2 8  ? 7.790   0.206   -1.784  1.00 1.09 ? 20 DT  B H72    1 
ATOM   624 H  H73    . DT  B 2 8  ? 7.903   1.260   -3.213  1.00 1.24 ? 20 DT  B H73    1 
ATOM   625 H  H6     . DT  B 2 8  ? 8.544   -1.526  -3.566  1.00 0.62 ? 20 DT  B H6     1 
ATOM   626 P  P      . DG  B 2 9  ? 10.815  -4.703  -7.782  1.00 0.64 ? 21 DG  B P      1 
ATOM   627 O  OP1    . DG  B 2 9  ? 11.589  -5.858  -8.304  1.00 0.78 ? 21 DG  B OP1    1 
ATOM   628 O  OP2    . DG  B 2 9  ? 11.537  -3.511  -7.266  1.00 0.65 ? 21 DG  B OP2    1 
ATOM   629 O  "O5'"  . DG  B 2 9  ? 9.812   -4.221  -8.924  1.00 0.53 ? 21 DG  B "O5'"  1 
ATOM   630 C  "C5'"  . DG  B 2 9  ? 9.163   -5.165  -9.779  1.00 0.59 ? 21 DG  B "C5'"  1 
ATOM   631 C  "C4'"  . DG  B 2 9  ? 8.224   -4.454  -10.728 1.00 0.58 ? 21 DG  B "C4'"  1 
ATOM   632 O  "O4'"  . DG  B 2 9  ? 7.293   -3.645  -9.965  1.00 0.56 ? 21 DG  B "O4'"  1 
ATOM   633 C  "C3'"  . DG  B 2 9  ? 8.899   -3.503  -11.723 1.00 0.54 ? 21 DG  B "C3'"  1 
ATOM   634 O  "O3'"  . DG  B 2 9  ? 8.431   -3.785  -13.047 1.00 0.66 ? 21 DG  B "O3'"  1 
ATOM   635 C  "C2'"  . DG  B 2 9  ? 8.463   -2.116  -11.271 1.00 0.47 ? 21 DG  B "C2'"  1 
ATOM   636 C  "C1'"  . DG  B 2 9  ? 7.137   -2.388  -10.595 1.00 0.49 ? 21 DG  B "C1'"  1 
ATOM   637 N  N9     . DG  B 2 9  ? 6.732   -1.422  -9.576  1.00 0.47 ? 21 DG  B N9     1 
ATOM   638 C  C8     . DG  B 2 9  ? 7.518   -0.849  -8.607  1.00 0.47 ? 21 DG  B C8     1 
ATOM   639 N  N7     . DG  B 2 9  ? 6.856   -0.068  -7.799  1.00 0.52 ? 21 DG  B N7     1 
ATOM   640 C  C5     . DG  B 2 9  ? 5.555   -0.103  -8.282  1.00 0.53 ? 21 DG  B C5     1 
ATOM   641 C  C6     . DG  B 2 9  ? 4.392   0.563   -7.826  1.00 0.60 ? 21 DG  B C6     1 
ATOM   642 O  O6     . DG  B 2 9  ? 4.271   1.331   -6.866  1.00 0.67 ? 21 DG  B O6     1 
ATOM   643 N  N1     . DG  B 2 9  ? 3.286   0.259   -8.611  1.00 0.61 ? 21 DG  B N1     1 
ATOM   644 C  C2     . DG  B 2 9  ? 3.301   -0.574  -9.704  1.00 0.58 ? 21 DG  B C2     1 
ATOM   645 N  N2     . DG  B 2 9  ? 2.135   -0.735  -10.339 1.00 0.63 ? 21 DG  B N2     1 
ATOM   646 N  N3     . DG  B 2 9  ? 4.381   -1.202  -10.140 1.00 0.54 ? 21 DG  B N3     1 
ATOM   647 C  C4     . DG  B 2 9  ? 5.464   -0.922  -9.387  1.00 0.50 ? 21 DG  B C4     1 
ATOM   648 H  "H5'"  . DG  B 2 9  ? 8.594   -5.875  -9.177  1.00 0.68 ? 21 DG  B "H5'"  1 
ATOM   649 H  "H5''" . DG  B 2 9  ? 9.911   -5.709  -10.358 1.00 0.62 ? 21 DG  B "H5''" 1 
ATOM   650 H  "H4'"  . DG  B 2 9  ? 7.728   -5.223  -11.327 1.00 0.67 ? 21 DG  B "H4'"  1 
ATOM   651 H  "H3'"  . DG  B 2 9  ? 9.983   -3.615  -11.698 1.00 0.53 ? 21 DG  B "H3'"  1 
ATOM   652 H  "H2'"  . DG  B 2 9  ? 9.190   -1.674  -10.595 1.00 0.44 ? 21 DG  B "H2'"  1 
ATOM   653 H  "H2''" . DG  B 2 9  ? 8.347   -1.438  -12.115 1.00 0.49 ? 21 DG  B "H2''" 1 
ATOM   654 H  "H1'"  . DG  B 2 9  ? 6.334   -2.476  -11.331 1.00 0.54 ? 21 DG  B "H1'"  1 
ATOM   655 H  H8     . DG  B 2 9  ? 8.581   -0.995  -8.543  1.00 0.47 ? 21 DG  B H8     1 
ATOM   656 H  H1     . DG  B 2 9  ? 2.410   0.681   -8.347  1.00 0.65 ? 21 DG  B H1     1 
ATOM   657 H  H21    . DG  B 2 9  ? 1.303   -0.257  -10.020 1.00 0.67 ? 21 DG  B H21    1 
ATOM   658 H  H22    . DG  B 2 9  ? 2.088   -1.335  -11.149 1.00 0.65 ? 21 DG  B H22    1 
ATOM   659 P  P      . DA  B 2 10 ? 8.985   -2.935  -14.295 1.00 0.73 ? 22 DA  B P      1 
ATOM   660 O  OP1    . DA  B 2 10 ? 9.441   -3.909  -15.320 1.00 0.89 ? 22 DA  B OP1    1 
ATOM   661 O  OP2    . DA  B 2 10 ? 9.929   -1.900  -13.798 1.00 0.66 ? 22 DA  B OP2    1 
ATOM   662 O  "O5'"  . DA  B 2 10 ? 7.688   -2.201  -14.857 1.00 0.78 ? 22 DA  B "O5'"  1 
ATOM   663 C  "C5'"  . DA  B 2 10 ? 6.389   -2.772  -14.685 1.00 0.81 ? 22 DA  B "C5'"  1 
ATOM   664 C  "C4'"  . DA  B 2 10 ? 5.323   -1.787  -15.105 1.00 0.83 ? 22 DA  B "C4'"  1 
ATOM   665 O  "O4'"  . DA  B 2 10 ? 4.867   -1.062  -13.934 1.00 0.70 ? 22 DA  B "O4'"  1 
ATOM   666 C  "C3'"  . DA  B 2 10 ? 5.778   -0.722  -16.105 1.00 0.92 ? 22 DA  B "C3'"  1 
ATOM   667 O  "O3'"  . DA  B 2 10 ? 4.729   -0.453  -17.044 1.00 1.03 ? 22 DA  B "O3'"  1 
ATOM   668 C  "C2'"  . DA  B 2 10 ? 6.052   0.485   -15.226 1.00 0.79 ? 22 DA  B "C2'"  1 
ATOM   669 C  "C1'"  . DA  B 2 10 ? 5.000   0.332   -14.151 1.00 0.66 ? 22 DA  B "C1'"  1 
ATOM   670 N  N9     . DA  B 2 10 ? 5.347   0.957   -12.877 1.00 0.54 ? 22 DA  B N9     1 
ATOM   671 C  C8     . DA  B 2 10 ? 6.556   0.908   -12.235 1.00 0.51 ? 22 DA  B C8     1 
ATOM   672 N  N7     . DA  B 2 10 ? 6.579   1.557   -11.097 1.00 0.46 ? 22 DA  B N7     1 
ATOM   673 C  C5     . DA  B 2 10 ? 5.297   2.079   -10.987 1.00 0.45 ? 22 DA  B C5     1 
ATOM   674 C  C6     . DA  B 2 10 ? 4.682   2.882   -10.012 1.00 0.49 ? 22 DA  B C6     1 
ATOM   675 N  N6     . DA  B 2 10 ? 5.300   3.324   -8.915  1.00 0.56 ? 22 DA  B N6     1 
ATOM   676 N  N1     . DA  B 2 10 ? 3.392   3.227   -10.207 1.00 0.52 ? 22 DA  B N1     1 
ATOM   677 C  C2     . DA  B 2 10 ? 2.772   2.794   -11.312 1.00 0.51 ? 22 DA  B C2     1 
ATOM   678 N  N3     . DA  B 2 10 ? 3.247   2.049   -12.306 1.00 0.51 ? 22 DA  B N3     1 
ATOM   679 C  C4     . DA  B 2 10 ? 4.529   1.718   -12.079 1.00 0.48 ? 22 DA  B C4     1 
ATOM   680 H  "H5'"  . DA  B 2 10 ? 6.240   -3.033  -13.637 1.00 0.74 ? 22 DA  B "H5'"  1 
ATOM   681 H  "H5''" . DA  B 2 10 ? 6.302   -3.673  -15.293 1.00 0.93 ? 22 DA  B "H5''" 1 
ATOM   682 H  "H4'"  . DA  B 2 10 ? 4.528   -2.353  -15.594 1.00 0.93 ? 22 DA  B "H4'"  1 
ATOM   683 H  "H3'"  . DA  B 2 10 ? 6.668   -1.044  -16.643 1.00 1.00 ? 22 DA  B "H3'"  1 
ATOM   684 H  "H2'"  . DA  B 2 10 ? 7.064   0.461   -14.821 1.00 0.78 ? 22 DA  B "H2'"  1 
ATOM   685 H  "H2''" . DA  B 2 10 ? 5.945   1.415   -15.776 1.00 0.84 ? 22 DA  B "H2''" 1 
ATOM   686 H  "H1'"  . DA  B 2 10 ? 4.037   0.719   -14.483 1.00 0.67 ? 22 DA  B "H1'"  1 
ATOM   687 H  H8     . DA  B 2 10 ? 7.413   0.392   -12.640 1.00 0.57 ? 22 DA  B H8     1 
ATOM   688 H  H61    . DA  B 2 10 ? 4.802   3.896   -8.247  1.00 0.64 ? 22 DA  B H61    1 
ATOM   689 H  H62    . DA  B 2 10 ? 6.266   3.086   -8.747  1.00 0.55 ? 22 DA  B H62    1 
ATOM   690 H  H2     . DA  B 2 10 ? 1.726   3.083   -11.404 1.00 0.56 ? 22 DA  B H2     1 
ATOM   691 P  P      . DG  B 2 11 ? 4.952   0.643   -18.197 1.00 1.18 ? 23 DG  B P      1 
ATOM   692 O  OP1    . DG  B 2 11 ? 3.860   0.469   -19.190 1.00 1.32 ? 23 DG  B OP1    1 
ATOM   693 O  OP2    . DG  B 2 11 ? 6.366   0.579   -18.645 1.00 1.31 ? 23 DG  B OP2    1 
ATOM   694 O  "O5'"  . DG  B 2 11 ? 4.729   2.033   -17.450 1.00 1.03 ? 23 DG  B "O5'"  1 
ATOM   695 C  "C5'"  . DG  B 2 11 ? 3.449   2.394   -16.928 1.00 0.89 ? 23 DG  B "C5'"  1 
ATOM   696 C  "C4'"  . DG  B 2 11 ? 3.402   3.875   -16.640 1.00 0.86 ? 23 DG  B "C4'"  1 
ATOM   697 O  "O4'"  . DG  B 2 11 ? 3.735   4.088   -15.247 1.00 0.76 ? 23 DG  B "O4'"  1 
ATOM   698 C  "C3'"  . DG  B 2 11 ? 4.393   4.719   -17.452 1.00 1.04 ? 23 DG  B "C3'"  1 
ATOM   699 O  "O3'"  . DG  B 2 11 ? 3.699   5.728   -18.193 1.00 1.13 ? 23 DG  B "O3'"  1 
ATOM   700 C  "C2'"  . DG  B 2 11 ? 5.294   5.357   -16.408 1.00 1.01 ? 23 DG  B "C2'"  1 
ATOM   701 C  "C1'"  . DG  B 2 11 ? 4.469   5.287   -15.145 1.00 0.86 ? 23 DG  B "C1'"  1 
ATOM   702 N  N9     . DG  B 2 11 ? 5.257   5.244   -13.919 1.00 0.82 ? 23 DG  B N9     1 
ATOM   703 C  C8     . DG  B 2 11 ? 6.449   4.592   -13.733 1.00 0.82 ? 23 DG  B C8     1 
ATOM   704 N  N7     . DG  B 2 11 ? 6.945   4.754   -12.537 1.00 0.80 ? 23 DG  B N7     1 
ATOM   705 C  C5     . DG  B 2 11 ? 6.019   5.562   -11.892 1.00 0.81 ? 23 DG  B C5     1 
ATOM   706 C  C6     . DG  B 2 11 ? 6.016   6.085   -10.572 1.00 0.86 ? 23 DG  B C6     1 
ATOM   707 O  O6     . DG  B 2 11 ? 6.855   5.928   -9.677  1.00 0.88 ? 23 DG  B O6     1 
ATOM   708 N  N1     . DG  B 2 11 ? 4.888   6.861   -10.332 1.00 0.90 ? 23 DG  B N1     1 
ATOM   709 C  C2     . DG  B 2 11 ? 3.887   7.100   -11.242 1.00 0.89 ? 23 DG  B C2     1 
ATOM   710 N  N2     . DG  B 2 11 ? 2.877   7.868   -10.826 1.00 0.95 ? 23 DG  B N2     1 
ATOM   711 N  N3     . DG  B 2 11 ? 3.877   6.618   -12.472 1.00 0.84 ? 23 DG  B N3     1 
ATOM   712 C  C4     . DG  B 2 11 ? 4.966   5.866   -12.729 1.00 0.81 ? 23 DG  B C4     1 
ATOM   713 H  "H5'"  . DG  B 2 11 ? 3.262   1.846   -16.003 1.00 0.79 ? 23 DG  B "H5'"  1 
ATOM   714 H  "H5''" . DG  B 2 11 ? 2.673   2.146   -17.652 1.00 0.95 ? 23 DG  B "H5''" 1 
ATOM   715 H  "H4'"  . DG  B 2 11 ? 2.403   4.229   -16.902 1.00 0.85 ? 23 DG  B "H4'"  1 
ATOM   716 H  "H3'"  . DG  B 2 11 ? 4.957   4.095   -18.146 1.00 1.13 ? 23 DG  B "H3'"  1 
ATOM   717 H  "H2'"  . DG  B 2 11 ? 6.238   4.825   -16.316 1.00 1.03 ? 23 DG  B "H2'"  1 
ATOM   718 H  "H2''" . DG  B 2 11 ? 5.525   6.386   -16.657 1.00 1.12 ? 23 DG  B "H2''" 1 
ATOM   719 H  "H1'"  . DG  B 2 11 ? 3.763   6.117   -15.085 1.00 0.88 ? 23 DG  B "H1'"  1 
ATOM   720 H  H8     . DG  B 2 11 ? 6.930   4.009   -14.506 1.00 0.86 ? 23 DG  B H8     1 
ATOM   721 H  H1     . DG  B 2 11 ? 4.811   7.274   -9.412  1.00 0.97 ? 23 DG  B H1     1 
ATOM   722 H  H21    . DG  B 2 11 ? 2.869   8.248   -9.888  1.00 1.02 ? 23 DG  B H21    1 
ATOM   723 H  H22    . DG  B 2 11 ? 2.117   8.072   -11.459 1.00 0.95 ? 23 DG  B H22    1 
ATOM   724 P  P      . DG  B 2 12 ? 4.451   6.502   -19.386 1.00 1.42 ? 24 DG  B P      1 
ATOM   725 O  OP1    . DG  B 2 12 ? 3.716   6.233   -20.649 1.00 1.60 ? 24 DG  B OP1    1 
ATOM   726 O  OP2    . DG  B 2 12 ? 5.899   6.182   -19.299 1.00 1.48 ? 24 DG  B OP2    1 
ATOM   727 O  "O5'"  . DG  B 2 12 ? 4.269   8.042   -19.022 1.00 1.53 ? 24 DG  B "O5'"  1 
ATOM   728 C  "C5'"  . DG  B 2 12 ? 2.976   8.586   -18.750 1.00 1.52 ? 24 DG  B "C5'"  1 
ATOM   729 C  "C4'"  . DG  B 2 12 ? 3.101   9.837   -17.912 1.00 1.59 ? 24 DG  B "C4'"  1 
ATOM   730 O  "O4'"  . DG  B 2 12 ? 3.811   9.511   -16.693 1.00 1.57 ? 24 DG  B "O4'"  1 
ATOM   731 C  "C3'"  . DG  B 2 12 ? 3.876   10.985  -18.569 1.00 1.77 ? 24 DG  B "C3'"  1 
ATOM   732 O  "O3'"  . DG  B 2 12 ? 3.116   12.194  -18.512 1.00 1.85 ? 24 DG  B "O3'"  1 
ATOM   733 C  "C2'"  . DG  B 2 12 ? 5.137   11.122  -17.727 1.00 1.82 ? 24 DG  B "C2'"  1 
ATOM   734 C  "C1'"  . DG  B 2 12 ? 4.710   10.556  -16.389 1.00 1.70 ? 24 DG  B "C1'"  1 
ATOM   735 N  N9     . DG  B 2 12 ? 5.786   10.001  -15.573 1.00 1.68 ? 24 DG  B N9     1 
ATOM   736 C  C8     . DG  B 2 12 ? 6.741   9.089   -15.955 1.00 1.68 ? 24 DG  B C8     1 
ATOM   737 N  N7     . DG  B 2 12 ? 7.576   8.787   -14.999 1.00 1.67 ? 24 DG  B N7     1 
ATOM   738 C  C5     . DG  B 2 12 ? 7.146   9.544   -13.918 1.00 1.69 ? 24 DG  B C5     1 
ATOM   739 C  C6     . DG  B 2 12 ? 7.658   9.635   -12.598 1.00 1.72 ? 24 DG  B C6     1 
ATOM   740 O  O6     . DG  B 2 12 ? 8.630   9.049   -12.106 1.00 1.72 ? 24 DG  B O6     1 
ATOM   741 N  N1     . DG  B 2 12 ? 6.918   10.520  -11.821 1.00 1.75 ? 24 DG  B N1     1 
ATOM   742 C  C2     . DG  B 2 12 ? 5.825   11.226  -12.257 1.00 1.76 ? 24 DG  B C2     1 
ATOM   743 N  N2     . DG  B 2 12 ? 5.242   12.027  -11.359 1.00 1.82 ? 24 DG  B N2     1 
ATOM   744 N  N3     . DG  B 2 12 ? 5.338   11.152  -13.484 1.00 1.73 ? 24 DG  B N3     1 
ATOM   745 C  C4     . DG  B 2 12 ? 6.042   10.298  -14.255 1.00 1.70 ? 24 DG  B C4     1 
ATOM   746 H  "H5'"  . DG  B 2 12 ? 2.377   7.854   -18.210 1.00 1.42 ? 24 DG  B "H5'"  1 
ATOM   747 H  "H5''" . DG  B 2 12 ? 2.478   8.833   -19.687 1.00 1.60 ? 24 DG  B "H5''" 1 
ATOM   748 H  "H4'"  . DG  B 2 12 ? 2.090   10.209  -17.732 1.00 1.56 ? 24 DG  B "H4'"  1 
ATOM   749 H  "H3'"  . DG  B 2 12 ? 4.103   10.757  -19.612 1.00 1.82 ? 24 DG  B "H3'"  1 
ATOM   750 H  "HO3'" . DG  B 2 12 ? 2.775   12.275  -17.618 1.00 2.32 ? 24 DG  B "HO3'" 1 
ATOM   751 H  "H2'"  . DG  B 2 12 ? 5.972   10.573  -18.159 1.00 1.83 ? 24 DG  B "H2'"  1 
ATOM   752 H  "H2''" . DG  B 2 12 ? 5.441   12.165  -17.634 1.00 1.92 ? 24 DG  B "H2''" 1 
ATOM   753 H  "H1'"  . DG  B 2 12 ? 4.174   11.302  -15.802 1.00 1.72 ? 24 DG  B "H1'"  1 
ATOM   754 H  H8     . DG  B 2 12 ? 6.794   8.660   -16.945 1.00 1.68 ? 24 DG  B H8     1 
ATOM   755 H  H1     . DG  B 2 12 ? 7.210   10.651  -10.863 1.00 1.79 ? 24 DG  B H1     1 
ATOM   756 H  H21    . DG  B 2 12 ? 5.608   12.087  -10.416 1.00 1.86 ? 24 DG  B H21    1 
ATOM   757 H  H22    . DG  B 2 12 ? 4.434   12.571  -11.620 1.00 1.83 ? 24 DG  B H22    1 
HETATM 758 PT PT1    . CPT C 3 .  ? -1.991  -2.674  -1.832  1.00 0.55 ? 77 CPT A PT1    1 
HETATM 759 N  N1     . CPT C 3 .  ? -2.829  -1.100  -2.799  1.00 0.65 ? 77 CPT A N1     1 
HETATM 760 N  N2     . CPT C 3 .  ? -2.992  -2.124  -0.158  1.00 0.58 ? 77 CPT A N2     1 
HETATM 761 H  H11    . CPT C 3 .  ? -2.657  -0.249  -2.282  1.00 1.03 ? 77 CPT A H11    1 
HETATM 762 H  H12    . CPT C 3 .  ? -2.427  -1.012  -3.721  1.00 1.21 ? 77 CPT A H12    1 
HETATM 763 H  H21    . CPT C 3 .  ? -3.452  -2.927  0.245   1.00 1.18 ? 77 CPT A H21    1 
HETATM 764 H  H22    . CPT C 3 .  ? -2.344  -1.734  0.514   1.00 1.19 ? 77 CPT A H22    1 
HETATM 765 H  H13    . CPT C 3 .  ? -3.825  -1.243  -2.883  1.00 1.11 ? 77 CPT A H13    1 
HETATM 766 H  H23    . CPT C 3 .  ? -3.685  -1.427  -0.390  1.00 0.88 ? 77 CPT A H23    1 
# 
